data_8Z8A
#
_entry.id   8Z8A
#
loop_
_entity.id
_entity.type
_entity.pdbx_description
1 polymer 'Hydroxycarboxylic acid receptor 1'
2 polymer 'Guanine nucleotide-binding protein G(i) subunit alpha-1'
3 polymer 'Guanine nucleotide-binding protein G(I)/G(S)/G(T) subunit beta-1'
4 polymer 'Guanine nucleotide-binding protein G(I)/G(S)/G(O) subunit gamma-2'
5 polymer 'single Fab chain (scFv16)'
6 non-polymer '(2S)-2-HYDROXYPROPANOIC ACID'
#
loop_
_entity_poly.entity_id
_entity_poly.type
_entity_poly.pdbx_seq_one_letter_code
_entity_poly.pdbx_strand_id
1 'polypeptide(L)'
;MYNGSCCRIEGDTISQVMPPLLIVAFVLGALGNGVALCGFCFHMKTWKPSTVYLFNLAVADFLLMICLPFRTDYYLRRRH
WAFGDIPCRVGLFTLAMNRAGSIVFLTVVAADRYFKVVHPHHAVNTISTRVAAGIVCTLWALVILGTVYLLLENHLCVQE
TAVSCESFIMESANGWHDIMFQLEFFMPLGIILFCSFKIVWSLRRRQQLARQARMKKATRFIMVVAIVFITCYLPSVSAR
LYFLWTVPSSACDPSVHGALHITLSFTYMNSMLDPLVYYFSSPSFPKFYNKLKICSLKPKQPGHSKTQRPEEMPISNLGR
RSCISVANSFQSQSDGQWDPHIVEWH
;
R
2 'polypeptide(L)'
;MGCTLSAEDKAAVERSKMIDRNLREDGEKAAREVKLLLLGAGESGKNTIVKQMKIIHEAGYSEEECKQYKAVVYSNTIQS
IIAIIRAMGRLKIDFGDSARADDARQLFVLAGAAEEGFMTAELAGVIKRLWKDSGVQACFNRSREYQLNDSAAYYLNDLD
RIAQPNYIPTQQDVLRTRVKTTGIVETHFTFKDLHFKMFDVGAQRSERKKWIHCFEGVTAIIFCVALSDYDLVLAEDEEM
NRMHASMKLFDSICNNKWFTDTSIILFLNKKDLFEEKIKKSPLTICYPEYAGSNTYEEAAAYIQCQFEDLNKRKDTKEIY
THFTCSTDTKNVQFVFDAVTDVIIKNNLKDCGLF
;
A
3 'polypeptide(L)'
;MGSLLQSELDQLRQEAEQLKNQIRDARKACADATLSQITNNIDPVGRIQMRTRRTLRGHLAKIYAMHWGTDSRLLVSASQ
DGKLIIWDSYTTNKVHAIPLRSSWVMTCAYAPSGNYVACGGLDNICSIYNLKTREGNVRVSRELAGHTGYLSCCRFLDDN
QIVTSSGDTTCALWDIETGQQTTTFTGHTGDVMSLSLAPDTRLFVSGACDASAKLWDVREGMCRQTFTGHESDINAICFF
PNGNAFATGSDDATCRLFDLRADQELMTYSHDNIICGITSVSFSKSGRLLLAGYDDFNCNVWDALKADRAGVLAGHDNRV
SCLGVTDDGMAVATGSWDSFLKIWN
;
B
4 'polypeptide(L)' ASNNTASIAQARKLVEQLKMEANIDRIKVSKAAADLMAYCEAHAKEDPLLTPVPASENPFREKKFFCAIL G
5 'polypeptide(L)'
;DVQLVESGGGLVQPGGSRKLSCSASGFAFSSFGMHWVRQAPEKGLEWVAYISSGSGTIYYADTVKGRFTISRDDPKNTLF
LQMTSLRSEDTAMYYCVRSIYYYGSSPFDFWGQGTTLTVSSGGGGSGGGGSGGGGSDIVMTQATSSVPVTPGESVSISCR
SSKSLLHSNGNTYLYWFLQRPGQSPQLLIYRMSNLASGVPDRFSGSGSGTAFTLTISRLEAEDVGVYYCMQHLEYPLTFG
AGTKLELKGS
;
S
#
loop_
_chem_comp.id
_chem_comp.type
_chem_comp.name
_chem_comp.formula
2OP non-polymer '(2S)-2-HYDROXYPROPANOIC ACID' 'C3 H6 O3'
#
# COMPACT_ATOMS: atom_id res chain seq x y z
N CYS A 6 -47.74 -40.65 15.33
CA CYS A 6 -48.07 -40.84 13.89
C CYS A 6 -49.57 -40.56 13.69
N CYS A 7 -49.92 -39.57 12.86
CA CYS A 7 -51.35 -39.17 12.71
C CYS A 7 -51.77 -39.05 11.23
N ARG A 8 -52.99 -38.59 10.98
CA ARG A 8 -53.47 -38.42 9.58
C ARG A 8 -54.17 -37.05 9.46
N ILE A 9 -53.45 -35.94 9.40
CA ILE A 9 -54.19 -34.64 9.41
C ILE A 9 -54.40 -34.17 7.96
N GLU A 10 -55.45 -34.70 7.32
CA GLU A 10 -55.73 -34.36 5.90
C GLU A 10 -55.85 -32.85 5.75
N GLY A 11 -55.02 -32.26 4.89
CA GLY A 11 -55.02 -30.79 4.72
C GLY A 11 -55.37 -30.39 3.30
N ASP A 12 -56.25 -29.40 3.16
CA ASP A 12 -56.65 -28.89 1.81
C ASP A 12 -56.43 -27.39 1.82
N THR A 13 -56.80 -26.74 2.92
CA THR A 13 -56.55 -25.29 3.03
C THR A 13 -55.06 -25.08 3.07
N ILE A 14 -54.34 -26.11 3.48
CA ILE A 14 -52.91 -25.89 3.67
C ILE A 14 -52.18 -25.92 2.33
N SER A 15 -52.60 -26.83 1.44
CA SER A 15 -51.94 -27.05 0.16
C SER A 15 -52.33 -26.02 -0.89
N GLN A 16 -53.26 -25.12 -0.58
CA GLN A 16 -53.58 -24.02 -1.48
C GLN A 16 -52.72 -22.79 -1.22
N VAL A 17 -52.22 -22.65 0.01
CA VAL A 17 -51.50 -21.46 0.41
C VAL A 17 -50.03 -21.72 0.74
N MET A 18 -49.62 -22.97 0.90
CA MET A 18 -48.18 -23.20 1.09
C MET A 18 -47.38 -23.16 -0.22
N PRO A 19 -47.86 -23.77 -1.31
CA PRO A 19 -47.11 -23.69 -2.56
C PRO A 19 -46.89 -22.27 -3.03
N PRO A 20 -47.91 -21.37 -2.98
CA PRO A 20 -47.62 -19.98 -3.40
C PRO A 20 -46.60 -19.27 -2.53
N LEU A 21 -46.74 -19.39 -1.20
CA LEU A 21 -45.80 -18.73 -0.31
C LEU A 21 -44.38 -19.26 -0.52
N LEU A 22 -44.23 -20.58 -0.62
CA LEU A 22 -42.91 -21.15 -0.82
C LEU A 22 -42.33 -20.80 -2.18
N ILE A 23 -43.17 -20.75 -3.23
CA ILE A 23 -42.66 -20.40 -4.56
C ILE A 23 -42.16 -18.96 -4.57
N VAL A 24 -42.96 -18.04 -4.03
CA VAL A 24 -42.55 -16.65 -3.98
C VAL A 24 -41.30 -16.48 -3.13
N ALA A 25 -41.27 -17.12 -1.95
CA ALA A 25 -40.09 -17.02 -1.10
C ALA A 25 -38.86 -17.56 -1.80
N PHE A 26 -38.99 -18.72 -2.46
CA PHE A 26 -37.84 -19.31 -3.14
C PHE A 26 -37.33 -18.40 -4.23
N VAL A 27 -38.20 -17.92 -5.12
CA VAL A 27 -37.71 -17.15 -6.26
C VAL A 27 -37.13 -15.82 -5.79
N LEU A 28 -37.86 -15.09 -4.94
CA LEU A 28 -37.38 -13.79 -4.49
C LEU A 28 -36.11 -13.92 -3.68
N GLY A 29 -36.06 -14.85 -2.73
CA GLY A 29 -34.87 -15.03 -1.92
C GLY A 29 -33.70 -15.55 -2.73
N ALA A 30 -33.96 -16.42 -3.70
CA ALA A 30 -32.88 -16.93 -4.54
C ALA A 30 -32.23 -15.80 -5.33
N LEU A 31 -33.03 -15.00 -6.03
CA LEU A 31 -32.45 -13.86 -6.74
C LEU A 31 -31.76 -12.89 -5.80
N GLY A 32 -32.42 -12.52 -4.70
CA GLY A 32 -31.85 -11.53 -3.81
C GLY A 32 -30.55 -11.98 -3.19
N ASN A 33 -30.51 -13.20 -2.65
CA ASN A 33 -29.32 -13.69 -1.99
C ASN A 33 -28.22 -14.04 -2.99
N GLY A 34 -28.57 -14.55 -4.17
CA GLY A 34 -27.55 -14.76 -5.18
C GLY A 34 -26.89 -13.46 -5.61
N VAL A 35 -27.68 -12.42 -5.83
CA VAL A 35 -27.10 -11.12 -6.20
C VAL A 35 -26.28 -10.55 -5.04
N ALA A 36 -26.77 -10.70 -3.81
CA ALA A 36 -26.01 -10.19 -2.67
C ALA A 36 -24.69 -10.92 -2.50
N LEU A 37 -24.69 -12.24 -2.69
CA LEU A 37 -23.44 -13.01 -2.61
C LEU A 37 -22.50 -12.66 -3.73
N CYS A 38 -23.03 -12.44 -4.94
CA CYS A 38 -22.18 -12.02 -6.05
C CYS A 38 -21.55 -10.66 -5.76
N GLY A 39 -22.32 -9.74 -5.18
CA GLY A 39 -21.76 -8.45 -4.84
C GLY A 39 -20.71 -8.53 -3.74
N PHE A 40 -20.95 -9.35 -2.72
CA PHE A 40 -19.99 -9.50 -1.63
C PHE A 40 -18.70 -10.14 -2.13
N CYS A 41 -18.82 -11.17 -2.98
CA CYS A 41 -17.65 -11.93 -3.37
C CYS A 41 -16.83 -11.19 -4.41
N PHE A 42 -17.49 -10.70 -5.47
CA PHE A 42 -16.78 -10.19 -6.64
C PHE A 42 -16.46 -8.70 -6.53
N HIS A 43 -17.50 -7.88 -6.38
CA HIS A 43 -17.37 -6.44 -6.60
C HIS A 43 -16.91 -5.69 -5.35
N MET A 44 -16.42 -6.37 -4.32
CA MET A 44 -15.79 -5.73 -3.19
C MET A 44 -14.33 -6.13 -3.12
N LYS A 45 -13.43 -5.14 -3.11
CA LYS A 45 -12.00 -5.41 -3.18
C LYS A 45 -11.38 -5.72 -1.83
N THR A 46 -11.91 -5.16 -0.74
CA THR A 46 -11.40 -5.41 0.60
C THR A 46 -12.54 -5.79 1.52
N TRP A 47 -12.32 -6.82 2.33
CA TRP A 47 -13.29 -7.29 3.29
C TRP A 47 -12.90 -6.86 4.69
N LYS A 48 -13.91 -6.61 5.51
CA LYS A 48 -13.76 -6.24 6.91
C LYS A 48 -14.59 -7.21 7.72
N PRO A 49 -14.40 -7.27 9.03
CA PRO A 49 -15.21 -8.19 9.84
C PRO A 49 -16.71 -7.98 9.67
N SER A 50 -17.17 -6.75 9.52
CA SER A 50 -18.59 -6.52 9.28
C SER A 50 -19.04 -7.16 7.97
N THR A 51 -18.21 -7.06 6.93
CA THR A 51 -18.54 -7.71 5.66
C THR A 51 -18.54 -9.21 5.81
N VAL A 52 -17.65 -9.75 6.65
CA VAL A 52 -17.63 -11.19 6.86
C VAL A 52 -18.94 -11.65 7.53
N TYR A 53 -19.39 -10.91 8.54
CA TYR A 53 -20.64 -11.28 9.21
C TYR A 53 -21.84 -11.18 8.27
N LEU A 54 -21.92 -10.09 7.50
CA LEU A 54 -23.01 -9.93 6.55
C LEU A 54 -22.98 -11.00 5.48
N PHE A 55 -21.78 -11.35 5.00
CA PHE A 55 -21.65 -12.39 3.99
C PHE A 55 -22.12 -13.72 4.52
N ASN A 56 -21.78 -14.05 5.77
CA ASN A 56 -22.24 -15.33 6.31
C ASN A 56 -23.74 -15.35 6.54
N LEU A 57 -24.33 -14.20 6.90
CA LEU A 57 -25.78 -14.12 6.97
C LEU A 57 -26.42 -14.40 5.60
N ALA A 58 -25.85 -13.80 4.54
CA ALA A 58 -26.35 -14.05 3.20
C ALA A 58 -26.15 -15.50 2.78
N VAL A 59 -25.04 -16.11 3.19
CA VAL A 59 -24.79 -17.52 2.90
C VAL A 59 -25.84 -18.40 3.57
N ALA A 60 -26.17 -18.11 4.83
CA ALA A 60 -27.22 -18.88 5.49
C ALA A 60 -28.56 -18.72 4.79
N ASP A 61 -28.90 -17.50 4.40
CA ASP A 61 -30.17 -17.28 3.70
C ASP A 61 -30.21 -18.00 2.36
N PHE A 62 -29.10 -17.96 1.60
CA PHE A 62 -29.08 -18.65 0.32
C PHE A 62 -29.15 -20.16 0.50
N LEU A 63 -28.42 -20.70 1.47
CA LEU A 63 -28.48 -22.13 1.74
C LEU A 63 -29.88 -22.55 2.15
N LEU A 64 -30.64 -21.64 2.77
CA LEU A 64 -32.03 -21.95 3.06
C LEU A 64 -32.89 -21.89 1.80
N MET A 65 -32.60 -20.95 0.89
CA MET A 65 -33.28 -20.93 -0.40
C MET A 65 -33.01 -22.19 -1.22
N ILE A 66 -31.87 -22.84 -1.01
CA ILE A 66 -31.50 -23.99 -1.84
C ILE A 66 -32.53 -25.10 -1.73
N CYS A 67 -32.97 -25.41 -0.50
CA CYS A 67 -33.81 -26.56 -0.27
C CYS A 67 -35.30 -26.24 -0.16
N LEU A 68 -35.71 -25.01 -0.47
CA LEU A 68 -37.14 -24.72 -0.58
C LEU A 68 -37.84 -25.47 -1.72
N PRO A 69 -37.26 -25.61 -2.92
CA PRO A 69 -38.01 -26.30 -4.00
C PRO A 69 -38.49 -27.69 -3.63
N PHE A 70 -37.71 -28.44 -2.86
CA PHE A 70 -38.15 -29.78 -2.48
C PHE A 70 -39.30 -29.71 -1.48
N ARG A 71 -39.27 -28.73 -0.57
CA ARG A 71 -40.41 -28.52 0.31
C ARG A 71 -41.66 -28.14 -0.46
N THR A 72 -41.50 -27.31 -1.50
CA THR A 72 -42.63 -26.95 -2.34
C THR A 72 -43.20 -28.16 -3.07
N ASP A 73 -42.33 -28.98 -3.67
CA ASP A 73 -42.78 -30.19 -4.34
C ASP A 73 -43.48 -31.12 -3.36
N TYR A 74 -43.00 -31.16 -2.11
CA TYR A 74 -43.68 -31.91 -1.07
C TYR A 74 -45.07 -31.37 -0.82
N TYR A 75 -45.22 -30.05 -0.82
CA TYR A 75 -46.50 -29.44 -0.47
C TYR A 75 -47.53 -29.59 -1.57
N LEU A 76 -47.12 -29.44 -2.84
CA LEU A 76 -48.06 -29.68 -3.93
C LEU A 76 -48.62 -31.09 -3.92
N ARG A 77 -47.82 -32.07 -3.51
CA ARG A 77 -48.33 -33.44 -3.46
C ARG A 77 -49.07 -33.70 -2.15
N ARG A 78 -49.97 -32.78 -1.79
CA ARG A 78 -50.81 -32.88 -0.60
C ARG A 78 -50.06 -33.48 0.59
N ARG A 79 -48.86 -32.95 0.83
CA ARG A 79 -47.98 -33.39 1.90
C ARG A 79 -47.64 -34.88 1.78
N HIS A 80 -46.96 -35.21 0.69
CA HIS A 80 -46.47 -36.55 0.44
C HIS A 80 -45.00 -36.47 0.02
N TRP A 81 -44.13 -37.08 0.80
CA TRP A 81 -42.69 -37.03 0.58
C TRP A 81 -42.27 -38.32 -0.11
N ALA A 82 -41.84 -38.21 -1.36
CA ALA A 82 -41.46 -39.35 -2.18
C ALA A 82 -39.98 -39.33 -2.53
N PHE A 83 -39.15 -38.96 -1.57
CA PHE A 83 -37.71 -38.82 -1.80
C PHE A 83 -36.86 -39.80 -0.99
N GLY A 84 -37.39 -40.39 0.06
CA GLY A 84 -36.66 -41.36 0.85
C GLY A 84 -36.34 -40.86 2.25
N ASP A 85 -35.75 -41.71 3.07
CA ASP A 85 -35.42 -41.30 4.45
C ASP A 85 -34.23 -40.35 4.44
N ILE A 86 -33.08 -40.78 3.94
CA ILE A 86 -31.90 -39.91 4.05
C ILE A 86 -32.18 -38.51 3.49
N PRO A 87 -32.79 -38.35 2.32
CA PRO A 87 -33.11 -36.99 1.87
C PRO A 87 -33.99 -36.20 2.83
N CYS A 88 -34.93 -36.86 3.52
CA CYS A 88 -35.74 -36.15 4.51
C CYS A 88 -34.86 -35.63 5.65
N ARG A 89 -33.92 -36.45 6.11
CA ARG A 89 -32.99 -36.01 7.13
C ARG A 89 -32.17 -34.83 6.65
N VAL A 90 -31.65 -34.89 5.43
CA VAL A 90 -30.83 -33.82 4.91
C VAL A 90 -31.64 -32.54 4.77
N GLY A 91 -32.86 -32.64 4.27
CA GLY A 91 -33.70 -31.46 4.12
C GLY A 91 -34.06 -30.82 5.44
N LEU A 92 -34.49 -31.63 6.41
CA LEU A 92 -34.81 -31.07 7.72
C LEU A 92 -33.57 -30.47 8.37
N PHE A 93 -32.43 -31.14 8.27
CA PHE A 93 -31.20 -30.64 8.86
C PHE A 93 -30.80 -29.32 8.24
N THR A 94 -30.90 -29.20 6.91
CA THR A 94 -30.48 -27.96 6.28
C THR A 94 -31.45 -26.83 6.57
N LEU A 95 -32.76 -27.12 6.64
CA LEU A 95 -33.71 -26.09 7.02
C LEU A 95 -33.41 -25.58 8.42
N ALA A 96 -33.24 -26.49 9.38
CA ALA A 96 -32.97 -26.09 10.75
C ALA A 96 -31.63 -25.39 10.88
N MET A 97 -30.60 -25.90 10.22
CA MET A 97 -29.27 -25.33 10.33
C MET A 97 -29.20 -23.95 9.71
N ASN A 98 -29.87 -23.74 8.59
CA ASN A 98 -29.85 -22.42 7.98
C ASN A 98 -30.74 -21.45 8.73
N ARG A 99 -31.82 -21.91 9.37
CA ARG A 99 -32.58 -21.04 10.26
C ARG A 99 -31.74 -20.59 11.45
N ALA A 100 -31.05 -21.54 12.09
CA ALA A 100 -30.20 -21.21 13.23
C ALA A 100 -29.04 -20.32 12.81
N GLY A 101 -28.45 -20.57 11.64
CA GLY A 101 -27.39 -19.72 11.15
C GLY A 101 -27.86 -18.32 10.83
N SER A 102 -29.04 -18.20 10.23
CA SER A 102 -29.60 -16.88 9.96
C SER A 102 -29.81 -16.12 11.26
N ILE A 103 -30.36 -16.77 12.28
CA ILE A 103 -30.59 -16.09 13.55
C ILE A 103 -29.28 -15.70 14.21
N VAL A 104 -28.31 -16.61 14.24
CA VAL A 104 -27.03 -16.35 14.88
C VAL A 104 -26.30 -15.21 14.19
N PHE A 105 -26.39 -15.13 12.87
CA PHE A 105 -25.67 -14.08 12.17
C PHE A 105 -26.42 -12.76 12.17
N LEU A 106 -27.74 -12.77 12.30
CA LEU A 106 -28.44 -11.52 12.63
C LEU A 106 -27.98 -11.00 13.99
N THR A 107 -27.85 -11.90 14.97
CA THR A 107 -27.37 -11.50 16.29
C THR A 107 -25.94 -10.96 16.23
N VAL A 108 -25.08 -11.59 15.44
CA VAL A 108 -23.69 -11.16 15.33
C VAL A 108 -23.59 -9.82 14.60
N VAL A 109 -24.41 -9.62 13.57
CA VAL A 109 -24.45 -8.32 12.89
C VAL A 109 -24.92 -7.23 13.84
N ALA A 110 -25.96 -7.52 14.63
CA ALA A 110 -26.47 -6.53 15.59
C ALA A 110 -25.43 -6.20 16.65
N ALA A 111 -24.73 -7.22 17.17
CA ALA A 111 -23.69 -6.96 18.18
C ALA A 111 -22.52 -6.20 17.58
N ASP A 112 -22.20 -6.50 16.32
CA ASP A 112 -21.15 -5.73 15.63
C ASP A 112 -21.59 -4.27 15.63
N ARG A 113 -22.78 -3.99 15.11
CA ARG A 113 -23.23 -2.61 15.01
C ARG A 113 -23.24 -1.94 16.36
N TYR A 114 -23.59 -2.69 17.41
CA TYR A 114 -23.58 -2.13 18.75
C TYR A 114 -22.18 -1.70 19.15
N PHE A 115 -21.18 -2.53 18.85
CA PHE A 115 -19.82 -2.15 19.23
C PHE A 115 -19.23 -1.08 18.30
N LYS A 116 -19.71 -1.02 17.09
CA LYS A 116 -19.30 -0.05 16.11
C LYS A 116 -19.86 1.32 16.47
N VAL A 117 -21.03 1.45 17.09
CA VAL A 117 -21.71 2.71 17.37
C VAL A 117 -21.55 3.13 18.83
N VAL A 118 -21.63 2.20 19.77
CA VAL A 118 -21.67 2.58 21.18
C VAL A 118 -20.28 2.59 21.82
N HIS A 119 -19.37 1.74 21.36
CA HIS A 119 -17.98 1.73 21.81
C HIS A 119 -17.07 1.81 20.59
N PRO A 120 -17.03 2.97 19.93
CA PRO A 120 -16.28 3.04 18.66
C PRO A 120 -14.80 2.78 18.84
N HIS A 121 -14.21 3.18 19.97
CA HIS A 121 -12.77 3.06 20.20
C HIS A 121 -12.41 1.78 20.93
N HIS A 122 -13.17 0.71 20.72
CA HIS A 122 -12.91 -0.53 21.41
C HIS A 122 -11.93 -1.38 20.60
N ALA A 123 -11.21 -2.25 21.30
CA ALA A 123 -10.29 -3.16 20.63
C ALA A 123 -11.03 -4.19 19.79
N VAL A 124 -12.31 -4.42 20.06
CA VAL A 124 -13.11 -5.35 19.27
C VAL A 124 -13.26 -4.86 17.84
N ASN A 125 -13.30 -3.55 17.65
CA ASN A 125 -13.49 -2.99 16.31
C ASN A 125 -12.23 -3.10 15.46
N THR A 126 -11.07 -3.30 16.07
CA THR A 126 -9.81 -3.35 15.37
C THR A 126 -9.33 -4.77 15.10
N ILE A 127 -10.15 -5.79 15.37
CA ILE A 127 -9.74 -7.15 15.10
C ILE A 127 -9.54 -7.33 13.60
N SER A 128 -8.61 -8.21 13.26
CA SER A 128 -8.34 -8.49 11.86
C SER A 128 -9.51 -9.26 11.26
N THR A 129 -9.54 -9.31 9.92
CA THR A 129 -10.59 -10.09 9.28
C THR A 129 -10.36 -11.58 9.46
N ARG A 130 -9.12 -12.00 9.71
CA ARG A 130 -8.86 -13.40 9.99
C ARG A 130 -9.49 -13.83 11.30
N VAL A 131 -9.44 -12.98 12.32
CA VAL A 131 -10.13 -13.26 13.56
C VAL A 131 -11.64 -13.31 13.34
N ALA A 132 -12.16 -12.46 12.46
CA ALA A 132 -13.57 -12.52 12.10
C ALA A 132 -13.90 -13.84 11.42
N ALA A 133 -13.02 -14.32 10.55
CA ALA A 133 -13.26 -15.59 9.89
C ALA A 133 -13.20 -16.74 10.88
N GLY A 134 -12.28 -16.68 11.84
CA GLY A 134 -12.27 -17.67 12.90
C GLY A 134 -13.54 -17.67 13.72
N ILE A 135 -14.05 -16.48 14.03
CA ILE A 135 -15.29 -16.37 14.82
C ILE A 135 -16.46 -16.94 14.04
N VAL A 136 -16.58 -16.58 12.76
CA VAL A 136 -17.73 -17.06 11.99
C VAL A 136 -17.62 -18.56 11.73
N CYS A 137 -16.41 -19.10 11.56
CA CYS A 137 -16.26 -20.54 11.42
C CYS A 137 -16.60 -21.25 12.73
N THR A 138 -16.22 -20.67 13.87
CA THR A 138 -16.59 -21.26 15.15
C THR A 138 -18.09 -21.24 15.36
N LEU A 139 -18.75 -20.14 14.97
CA LEU A 139 -20.20 -20.05 15.11
C LEU A 139 -20.90 -21.04 14.18
N TRP A 140 -20.38 -21.21 12.97
CA TRP A 140 -20.91 -22.24 12.08
C TRP A 140 -20.71 -23.62 12.66
N ALA A 141 -19.56 -23.86 13.30
CA ALA A 141 -19.32 -25.15 13.94
C ALA A 141 -20.30 -25.39 15.08
N LEU A 142 -20.56 -24.38 15.90
CA LEU A 142 -21.51 -24.54 16.99
C LEU A 142 -22.92 -24.79 16.46
N VAL A 143 -23.32 -24.05 15.42
CA VAL A 143 -24.63 -24.25 14.83
C VAL A 143 -24.77 -25.66 14.27
N ILE A 144 -23.74 -26.12 13.55
CA ILE A 144 -23.76 -27.46 12.97
C ILE A 144 -23.83 -28.51 14.07
N LEU A 145 -23.07 -28.32 15.14
CA LEU A 145 -23.11 -29.27 16.25
C LEU A 145 -24.48 -29.31 16.89
N GLY A 146 -25.11 -28.15 17.08
CA GLY A 146 -26.41 -28.11 17.71
C GLY A 146 -27.54 -28.59 16.83
N THR A 147 -27.36 -28.57 15.51
CA THR A 147 -28.39 -28.96 14.58
C THR A 147 -28.19 -30.37 14.01
N VAL A 148 -27.01 -30.96 14.22
CA VAL A 148 -26.67 -32.25 13.61
C VAL A 148 -27.60 -33.37 14.05
N TYR A 149 -28.37 -33.21 15.13
CA TYR A 149 -29.17 -34.38 15.57
C TYR A 149 -30.11 -34.81 14.46
N LEU A 150 -30.64 -33.83 13.75
CA LEU A 150 -31.69 -34.15 12.79
C LEU A 150 -31.25 -35.22 11.80
N LEU A 151 -29.94 -35.48 11.69
CA LEU A 151 -29.39 -36.46 10.78
C LEU A 151 -29.39 -37.87 11.34
N LEU A 152 -29.70 -38.04 12.63
CA LEU A 152 -29.56 -39.31 13.31
C LEU A 152 -30.89 -40.04 13.52
N GLU A 153 -32.01 -39.40 13.21
CA GLU A 153 -33.33 -39.95 13.49
C GLU A 153 -34.04 -40.28 12.19
N ASN A 154 -35.19 -40.93 12.32
CA ASN A 154 -36.09 -41.16 11.20
C ASN A 154 -37.26 -40.19 11.33
N HIS A 155 -37.43 -39.34 10.33
CA HIS A 155 -38.45 -38.31 10.36
C HIS A 155 -39.65 -38.63 9.48
N LEU A 156 -39.62 -39.76 8.77
CA LEU A 156 -40.72 -40.15 7.90
C LEU A 156 -41.78 -40.87 8.71
N CYS A 157 -43.02 -40.41 8.61
CA CYS A 157 -44.16 -41.06 9.22
C CYS A 157 -45.08 -41.57 8.12
N VAL A 158 -45.37 -42.87 8.14
CA VAL A 158 -46.21 -43.50 7.13
C VAL A 158 -47.64 -43.52 7.64
N GLN A 159 -48.58 -43.12 6.77
CA GLN A 159 -49.98 -42.99 7.16
C GLN A 159 -50.83 -43.33 5.93
N GLU A 160 -51.26 -44.59 5.84
CA GLU A 160 -52.00 -45.09 4.69
C GLU A 160 -51.24 -44.81 3.39
N THR A 161 -49.97 -45.20 3.38
CA THR A 161 -49.06 -45.01 2.23
C THR A 161 -48.92 -43.55 1.86
N ALA A 162 -49.02 -42.66 2.83
CA ALA A 162 -48.77 -41.23 2.65
C ALA A 162 -47.63 -40.83 3.60
N VAL A 163 -46.48 -40.50 3.02
CA VAL A 163 -45.28 -40.22 3.81
C VAL A 163 -45.16 -38.72 4.02
N SER A 164 -44.93 -38.32 5.27
CA SER A 164 -44.84 -36.91 5.63
C SER A 164 -43.54 -36.67 6.38
N CYS A 165 -42.70 -35.80 5.84
CA CYS A 165 -41.40 -35.46 6.42
C CYS A 165 -41.55 -34.14 7.17
N GLU A 166 -41.89 -34.24 8.45
CA GLU A 166 -42.19 -33.06 9.27
C GLU A 166 -41.47 -33.16 10.61
N SER A 167 -41.22 -32.01 11.22
CA SER A 167 -40.46 -31.91 12.46
C SER A 167 -41.25 -31.33 13.61
N PHE A 168 -41.88 -30.17 13.47
CA PHE A 168 -42.56 -29.53 14.62
C PHE A 168 -43.87 -30.25 14.96
N ILE A 169 -44.64 -30.65 13.96
CA ILE A 169 -45.97 -31.19 14.22
C ILE A 169 -45.87 -32.58 14.84
N MET A 170 -44.64 -33.04 15.10
CA MET A 170 -44.37 -34.42 15.49
C MET A 170 -45.21 -34.89 16.66
N GLU A 171 -45.06 -34.25 17.82
CA GLU A 171 -45.74 -34.72 19.02
C GLU A 171 -45.76 -33.60 20.05
N SER A 172 -46.11 -33.97 21.28
CA SER A 172 -46.20 -33.03 22.40
C SER A 172 -44.87 -32.33 22.63
N ALA A 173 -43.77 -33.06 22.55
CA ALA A 173 -42.43 -32.50 22.68
C ALA A 173 -41.46 -33.35 21.89
N ASN A 174 -40.64 -32.69 21.07
CA ASN A 174 -39.57 -33.40 20.37
C ASN A 174 -38.35 -33.62 21.23
N GLY A 175 -38.33 -33.11 22.45
CA GLY A 175 -37.23 -33.30 23.36
C GLY A 175 -36.72 -31.96 23.85
N TRP A 176 -35.45 -31.71 23.62
CA TRP A 176 -34.99 -30.35 23.96
C TRP A 176 -35.32 -29.50 22.74
N HIS A 177 -35.57 -30.12 21.59
CA HIS A 177 -35.82 -29.36 20.38
C HIS A 177 -36.70 -28.15 20.65
N ASP A 178 -37.75 -28.33 21.45
CA ASP A 178 -38.65 -27.21 21.76
C ASP A 178 -37.92 -26.13 22.55
N ILE A 179 -37.10 -26.53 23.52
CA ILE A 179 -36.35 -25.54 24.30
C ILE A 179 -35.38 -24.79 23.39
N MET A 180 -34.81 -25.50 22.43
CA MET A 180 -33.81 -24.85 21.55
C MET A 180 -34.53 -23.96 20.56
N PHE A 181 -35.75 -24.32 20.19
CA PHE A 181 -36.55 -23.50 19.28
C PHE A 181 -37.02 -22.22 19.94
N GLN A 182 -37.41 -22.29 21.22
CA GLN A 182 -37.79 -21.09 21.93
C GLN A 182 -36.60 -20.18 22.19
N LEU A 183 -35.50 -20.74 22.71
CA LEU A 183 -34.35 -19.90 23.06
C LEU A 183 -33.73 -19.26 21.82
N GLU A 184 -33.64 -20.00 20.71
CA GLU A 184 -33.04 -19.49 19.49
C GLU A 184 -33.82 -18.33 18.89
N PHE A 185 -34.99 -18.00 19.43
CA PHE A 185 -35.65 -16.74 19.13
C PHE A 185 -35.52 -15.75 20.29
N PHE A 186 -35.68 -16.23 21.53
CA PHE A 186 -35.83 -15.30 22.64
C PHE A 186 -34.50 -14.68 23.06
N MET A 187 -33.42 -15.47 23.12
CA MET A 187 -32.12 -14.88 23.43
C MET A 187 -31.66 -13.91 22.35
N PRO A 188 -31.66 -14.26 21.06
CA PRO A 188 -31.37 -13.26 20.04
C PRO A 188 -32.35 -12.11 20.02
N LEU A 189 -33.61 -12.34 20.40
CA LEU A 189 -34.55 -11.23 20.50
C LEU A 189 -34.08 -10.21 21.52
N GLY A 190 -33.69 -10.69 22.71
CA GLY A 190 -33.19 -9.78 23.73
C GLY A 190 -31.92 -9.08 23.31
N ILE A 191 -30.99 -9.82 22.71
CA ILE A 191 -29.73 -9.21 22.28
C ILE A 191 -29.99 -8.15 21.22
N ILE A 192 -30.83 -8.46 20.23
CA ILE A 192 -31.12 -7.53 19.15
C ILE A 192 -31.85 -6.31 19.68
N LEU A 193 -32.82 -6.51 20.58
CA LEU A 193 -33.54 -5.37 21.14
C LEU A 193 -32.62 -4.46 21.93
N PHE A 194 -31.76 -5.03 22.77
CA PHE A 194 -30.85 -4.22 23.56
C PHE A 194 -29.85 -3.49 22.66
N CYS A 195 -29.26 -4.19 21.70
CA CYS A 195 -28.30 -3.56 20.81
C CYS A 195 -28.95 -2.46 19.99
N SER A 196 -30.13 -2.73 19.41
CA SER A 196 -30.79 -1.73 18.59
C SER A 196 -31.19 -0.51 19.41
N PHE A 197 -31.69 -0.72 20.63
CA PHE A 197 -32.10 0.41 21.43
C PHE A 197 -30.90 1.24 21.86
N LYS A 198 -29.79 0.59 22.22
CA LYS A 198 -28.58 1.32 22.57
C LYS A 198 -28.03 2.09 21.38
N ILE A 199 -28.05 1.48 20.19
CA ILE A 199 -27.54 2.15 19.00
C ILE A 199 -28.37 3.40 18.69
N VAL A 200 -29.69 3.25 18.67
CA VAL A 200 -30.56 4.38 18.37
C VAL A 200 -30.42 5.45 19.44
N TRP A 201 -30.34 5.05 20.70
CA TRP A 201 -30.19 6.01 21.78
C TRP A 201 -28.90 6.81 21.64
N SER A 202 -27.78 6.12 21.41
CA SER A 202 -26.51 6.81 21.26
C SER A 202 -26.49 7.71 20.03
N LEU A 203 -27.04 7.23 18.92
CA LEU A 203 -27.06 8.05 17.70
C LEU A 203 -27.89 9.31 17.89
N ARG A 204 -29.02 9.20 18.61
CA ARG A 204 -29.83 10.38 18.84
C ARG A 204 -29.21 11.29 19.89
N ARG A 205 -28.34 10.77 20.75
CA ARG A 205 -27.66 11.63 21.71
C ARG A 205 -26.70 12.59 21.02
N ARG A 206 -25.99 12.10 20.03
CA ARG A 206 -25.08 12.92 19.28
C ARG A 206 -25.94 13.97 18.59
N GLN A 207 -25.91 15.24 19.02
CA GLN A 207 -26.78 16.27 18.44
C GLN A 207 -26.36 16.60 17.01
N GLN A 208 -25.05 16.74 16.77
CA GLN A 208 -24.58 17.19 15.46
C GLN A 208 -24.68 16.09 14.41
N LEU A 209 -24.49 14.83 14.82
CA LEU A 209 -24.47 13.72 13.84
C LEU A 209 -25.91 13.34 13.45
N ALA A 210 -26.86 13.45 14.37
CA ALA A 210 -28.22 13.00 14.10
C ALA A 210 -28.97 13.92 13.14
N ARG A 211 -28.44 15.11 12.86
CA ARG A 211 -29.13 16.08 12.02
C ARG A 211 -29.17 15.68 10.56
N GLN A 212 -28.31 14.76 10.14
CA GLN A 212 -28.21 14.40 8.73
C GLN A 212 -29.32 13.44 8.32
N ALA A 213 -29.76 13.56 7.07
CA ALA A 213 -30.75 12.63 6.54
C ALA A 213 -30.20 11.23 6.43
N ARG A 214 -28.90 11.10 6.19
CA ARG A 214 -28.29 9.79 6.08
C ARG A 214 -28.32 9.06 7.41
N MET A 215 -28.08 9.80 8.50
CA MET A 215 -28.14 9.20 9.86
C MET A 215 -29.58 8.81 10.18
N LYS A 216 -30.55 9.63 9.75
CA LYS A 216 -31.96 9.28 9.97
C LYS A 216 -32.34 8.01 9.24
N LYS A 217 -31.87 7.85 7.99
CA LYS A 217 -32.12 6.62 7.27
C LYS A 217 -31.44 5.42 7.92
N ALA A 218 -30.21 5.62 8.42
CA ALA A 218 -29.51 4.54 9.10
C ALA A 218 -30.25 4.09 10.36
N THR A 219 -30.72 5.05 11.15
CA THR A 219 -31.52 4.71 12.33
C THR A 219 -32.83 4.03 11.95
N ARG A 220 -33.46 4.49 10.88
CA ARG A 220 -34.70 3.87 10.42
C ARG A 220 -34.48 2.40 10.06
N PHE A 221 -33.37 2.09 9.38
CA PHE A 221 -33.13 0.69 9.02
C PHE A 221 -32.66 -0.13 10.21
N ILE A 222 -31.97 0.50 11.17
CA ILE A 222 -31.67 -0.19 12.43
C ILE A 222 -32.97 -0.63 13.10
N MET A 223 -33.99 0.21 13.07
CA MET A 223 -35.31 -0.18 13.59
C MET A 223 -35.99 -1.22 12.71
N VAL A 224 -35.88 -1.10 11.39
CA VAL A 224 -36.62 -1.95 10.47
C VAL A 224 -36.13 -3.39 10.55
N VAL A 225 -34.83 -3.60 10.74
CA VAL A 225 -34.34 -4.97 10.80
C VAL A 225 -34.90 -5.69 12.02
N ALA A 226 -34.98 -5.01 13.17
CA ALA A 226 -35.60 -5.60 14.34
C ALA A 226 -37.08 -5.85 14.12
N ILE A 227 -37.77 -4.91 13.48
CA ILE A 227 -39.19 -5.09 13.19
C ILE A 227 -39.40 -6.33 12.34
N VAL A 228 -38.59 -6.52 11.31
CA VAL A 228 -38.73 -7.66 10.41
C VAL A 228 -38.44 -8.96 11.15
N PHE A 229 -37.37 -8.98 11.95
CA PHE A 229 -37.05 -10.20 12.69
C PHE A 229 -38.20 -10.59 13.60
N ILE A 230 -38.73 -9.63 14.35
CA ILE A 230 -39.82 -9.94 15.28
C ILE A 230 -41.05 -10.42 14.50
N THR A 231 -41.46 -9.67 13.48
CA THR A 231 -42.69 -10.00 12.77
C THR A 231 -42.58 -11.28 11.96
N CYS A 232 -41.38 -11.76 11.69
CA CYS A 232 -41.23 -13.00 10.96
C CYS A 232 -40.97 -14.22 11.85
N TYR A 233 -40.38 -14.03 13.04
CA TYR A 233 -40.08 -15.16 13.90
C TYR A 233 -40.99 -15.27 15.11
N LEU A 234 -41.88 -14.31 15.35
CA LEU A 234 -42.80 -14.42 16.48
C LEU A 234 -44.00 -15.31 16.20
N PRO A 235 -44.62 -15.27 15.00
CA PRO A 235 -45.78 -16.15 14.77
C PRO A 235 -45.49 -17.63 14.99
N SER A 236 -44.37 -18.14 14.49
CA SER A 236 -44.09 -19.57 14.64
C SER A 236 -43.85 -19.94 16.09
N VAL A 237 -43.08 -19.12 16.80
CA VAL A 237 -42.83 -19.36 18.22
C VAL A 237 -44.13 -19.32 19.01
N SER A 238 -44.99 -18.34 18.71
CA SER A 238 -46.24 -18.23 19.43
C SER A 238 -47.16 -19.41 19.18
N ALA A 239 -47.24 -19.85 17.91
CA ALA A 239 -48.07 -21.01 17.60
C ALA A 239 -47.52 -22.25 18.29
N ARG A 240 -46.20 -22.40 18.33
CA ARG A 240 -45.62 -23.54 19.02
C ARG A 240 -45.94 -23.50 20.51
N LEU A 241 -45.87 -22.33 21.13
CA LEU A 241 -46.23 -22.21 22.54
C LEU A 241 -47.70 -22.56 22.76
N TYR A 242 -48.59 -22.08 21.89
CA TYR A 242 -50.00 -22.38 22.06
C TYR A 242 -50.26 -23.88 21.92
N PHE A 243 -49.53 -24.54 21.02
CA PHE A 243 -49.67 -25.98 20.87
C PHE A 243 -49.13 -26.73 22.09
N LEU A 244 -47.97 -26.34 22.59
CA LEU A 244 -47.38 -27.02 23.74
C LEU A 244 -48.24 -26.84 24.98
N TRP A 245 -48.76 -25.64 25.20
CA TRP A 245 -49.51 -25.36 26.43
C TRP A 245 -50.79 -26.19 26.50
N THR A 246 -51.39 -26.49 25.35
CA THR A 246 -52.62 -27.28 25.27
C THR A 246 -52.37 -28.63 24.61
N VAL A 247 -51.23 -29.26 24.93
CA VAL A 247 -50.80 -30.44 24.18
C VAL A 247 -51.84 -31.55 24.20
N PRO A 248 -52.48 -31.88 25.32
CA PRO A 248 -53.48 -32.96 25.27
C PRO A 248 -54.71 -32.61 24.45
N SER A 249 -55.22 -31.38 24.60
CA SER A 249 -56.40 -30.99 23.85
C SER A 249 -56.06 -30.68 22.39
N SER A 250 -54.88 -30.12 22.14
CA SER A 250 -54.48 -29.72 20.80
C SER A 250 -53.74 -30.81 20.04
N ALA A 251 -53.65 -32.02 20.58
CA ALA A 251 -53.01 -33.11 19.88
C ALA A 251 -53.76 -33.42 18.59
N CYS A 252 -53.05 -33.39 17.46
CA CYS A 252 -53.62 -33.61 16.13
C CYS A 252 -54.76 -32.64 15.85
N ASP A 253 -54.68 -31.43 16.39
CA ASP A 253 -55.72 -30.43 16.15
C ASP A 253 -55.54 -29.86 14.74
N PRO A 254 -56.58 -29.88 13.90
CA PRO A 254 -56.41 -29.37 12.52
C PRO A 254 -56.07 -27.89 12.46
N SER A 255 -56.78 -27.06 13.23
CA SER A 255 -56.55 -25.62 13.16
C SER A 255 -55.16 -25.26 13.64
N VAL A 256 -54.72 -25.85 14.75
CA VAL A 256 -53.38 -25.55 15.28
C VAL A 256 -52.32 -26.02 14.30
N HIS A 257 -52.49 -27.22 13.74
CA HIS A 257 -51.50 -27.75 12.82
C HIS A 257 -51.38 -26.89 11.57
N GLY A 258 -52.52 -26.47 11.01
CA GLY A 258 -52.48 -25.60 9.85
C GLY A 258 -51.86 -24.24 10.16
N ALA A 259 -52.21 -23.67 11.32
CA ALA A 259 -51.63 -22.39 11.69
C ALA A 259 -50.13 -22.48 11.86
N LEU A 260 -49.66 -23.57 12.47
CA LEU A 260 -48.22 -23.76 12.65
C LEU A 260 -47.51 -23.92 11.31
N HIS A 261 -48.09 -24.70 10.40
CA HIS A 261 -47.48 -24.86 9.09
C HIS A 261 -47.41 -23.54 8.35
N ILE A 262 -48.46 -22.72 8.45
CA ILE A 262 -48.43 -21.41 7.81
C ILE A 262 -47.38 -20.52 8.44
N THR A 263 -47.30 -20.49 9.77
CA THR A 263 -46.43 -19.55 10.46
C THR A 263 -44.95 -19.94 10.39
N LEU A 264 -44.61 -21.18 10.07
CA LEU A 264 -43.21 -21.46 9.75
C LEU A 264 -42.75 -20.87 8.43
N SER A 265 -43.67 -20.56 7.51
CA SER A 265 -43.26 -19.92 6.25
C SER A 265 -42.70 -18.53 6.46
N PHE A 266 -43.02 -17.88 7.58
CA PHE A 266 -42.57 -16.52 7.78
C PHE A 266 -41.07 -16.45 8.09
N THR A 267 -40.48 -17.52 8.61
CA THR A 267 -39.03 -17.55 8.75
C THR A 267 -38.35 -17.56 7.38
N TYR A 268 -38.89 -18.31 6.43
CA TYR A 268 -38.36 -18.29 5.05
C TYR A 268 -38.58 -16.90 4.48
N MET A 269 -39.72 -16.29 4.76
CA MET A 269 -39.92 -14.91 4.30
C MET A 269 -38.88 -13.97 4.89
N ASN A 270 -38.48 -14.18 6.14
CA ASN A 270 -37.42 -13.36 6.73
C ASN A 270 -36.11 -13.56 5.99
N SER A 271 -35.76 -14.80 5.69
CA SER A 271 -34.53 -15.04 4.94
C SER A 271 -34.62 -14.45 3.53
N MET A 272 -35.83 -14.38 2.97
CA MET A 272 -36.04 -13.76 1.67
C MET A 272 -35.88 -12.25 1.74
N LEU A 273 -36.37 -11.62 2.81
CA LEU A 273 -36.29 -10.18 2.98
C LEU A 273 -34.94 -9.70 3.48
N ASP A 274 -34.10 -10.60 4.00
CA ASP A 274 -32.79 -10.19 4.49
C ASP A 274 -31.94 -9.43 3.48
N PRO A 275 -31.82 -9.86 2.22
CA PRO A 275 -31.03 -9.06 1.26
C PRO A 275 -31.62 -7.69 1.01
N LEU A 276 -32.93 -7.56 1.07
CA LEU A 276 -33.55 -6.26 0.79
C LEU A 276 -33.20 -5.24 1.85
N VAL A 277 -33.04 -5.67 3.10
CA VAL A 277 -32.79 -4.75 4.21
C VAL A 277 -31.33 -4.68 4.61
N TYR A 278 -30.50 -5.61 4.17
CA TYR A 278 -29.09 -5.62 4.56
C TYR A 278 -28.15 -5.24 3.43
N TYR A 279 -28.42 -5.65 2.20
CA TYR A 279 -27.56 -5.34 1.07
C TYR A 279 -28.16 -4.30 0.13
N PHE A 280 -29.38 -4.49 -0.34
CA PHE A 280 -29.96 -3.55 -1.29
C PHE A 280 -30.35 -2.24 -0.64
N SER A 281 -30.29 -2.15 0.69
CA SER A 281 -30.60 -0.91 1.39
C SER A 281 -29.38 -0.07 1.71
N SER A 282 -28.19 -0.63 1.63
CA SER A 282 -26.99 0.12 1.99
C SER A 282 -26.54 0.98 0.82
N PRO A 283 -26.34 2.28 1.03
CA PRO A 283 -25.86 3.15 -0.06
C PRO A 283 -24.39 2.96 -0.40
N SER A 284 -23.63 2.24 0.42
CA SER A 284 -22.21 2.07 0.20
C SER A 284 -21.81 0.73 -0.40
N PHE A 285 -22.67 -0.28 -0.33
CA PHE A 285 -22.35 -1.57 -0.93
C PHE A 285 -22.48 -1.48 -2.43
N PRO A 286 -21.39 -1.70 -3.20
CA PRO A 286 -21.49 -1.67 -4.66
C PRO A 286 -22.35 -2.79 -5.19
N CYS B 3 9.05 -25.06 -5.00
CA CYS B 3 8.77 -25.52 -6.35
C CYS B 3 9.53 -24.71 -7.39
N THR B 4 10.53 -25.35 -8.01
CA THR B 4 11.41 -24.74 -9.01
C THR B 4 12.09 -23.48 -8.48
N LEU B 5 12.48 -23.50 -7.20
CA LEU B 5 13.18 -22.40 -6.57
C LEU B 5 14.48 -22.91 -5.97
N SER B 6 15.51 -22.07 -6.01
CA SER B 6 16.77 -22.40 -5.37
C SER B 6 16.67 -22.13 -3.87
N ALA B 7 17.74 -22.45 -3.15
CA ALA B 7 17.79 -22.16 -1.73
C ALA B 7 17.78 -20.66 -1.46
N GLU B 8 18.53 -19.91 -2.26
CA GLU B 8 18.57 -18.45 -2.11
C GLU B 8 17.24 -17.82 -2.52
N ASP B 9 16.59 -18.39 -3.54
CA ASP B 9 15.27 -17.90 -3.94
C ASP B 9 14.25 -18.12 -2.83
N LYS B 10 14.26 -19.30 -2.20
CA LYS B 10 13.35 -19.59 -1.11
C LYS B 10 13.62 -18.69 0.10
N ALA B 11 14.90 -18.43 0.39
CA ALA B 11 15.22 -17.55 1.51
C ALA B 11 14.85 -16.11 1.22
N ALA B 12 14.98 -15.66 -0.04
CA ALA B 12 14.52 -14.33 -0.41
C ALA B 12 13.00 -14.21 -0.32
N VAL B 13 12.29 -15.29 -0.68
CA VAL B 13 10.84 -15.31 -0.53
C VAL B 13 10.45 -15.24 0.94
N GLU B 14 11.20 -15.93 1.81
CA GLU B 14 10.97 -15.87 3.24
C GLU B 14 11.22 -14.46 3.79
N ARG B 15 12.27 -13.80 3.31
CA ARG B 15 12.54 -12.42 3.70
C ARG B 15 11.42 -11.49 3.25
N SER B 16 10.91 -11.70 2.04
CA SER B 16 9.80 -10.91 1.53
C SER B 16 8.54 -11.13 2.37
N LYS B 17 8.31 -12.36 2.83
CA LYS B 17 7.15 -12.64 3.68
C LYS B 17 7.30 -11.98 5.06
N MET B 18 8.53 -11.97 5.61
CA MET B 18 8.75 -11.24 6.85
C MET B 18 8.52 -9.75 6.69
N ILE B 19 8.96 -9.19 5.56
CA ILE B 19 8.75 -7.78 5.26
C ILE B 19 7.25 -7.49 5.12
N ASP B 20 6.52 -8.40 4.47
CA ASP B 20 5.06 -8.28 4.39
C ASP B 20 4.41 -8.31 5.76
N ARG B 21 4.91 -9.17 6.65
CA ARG B 21 4.37 -9.25 8.01
C ARG B 21 4.58 -7.94 8.76
N ASN B 22 5.79 -7.39 8.70
CA ASN B 22 6.06 -6.12 9.37
C ASN B 22 5.26 -4.98 8.75
N LEU B 23 5.05 -5.01 7.43
CA LEU B 23 4.21 -4.00 6.79
C LEU B 23 2.76 -4.10 7.25
N ARG B 24 2.25 -5.33 7.42
CA ARG B 24 0.90 -5.51 7.92
C ARG B 24 0.77 -5.01 9.36
N GLU B 25 1.76 -5.29 10.21
CA GLU B 25 1.73 -4.78 11.58
C GLU B 25 1.78 -3.26 11.62
N ASP B 26 2.62 -2.65 10.78
CA ASP B 26 2.69 -1.19 10.74
C ASP B 26 1.40 -0.58 10.22
N GLY B 27 0.77 -1.21 9.23
CA GLY B 27 -0.49 -0.71 8.73
C GLY B 27 -1.62 -0.84 9.73
N GLU B 28 -1.65 -1.94 10.49
CA GLU B 28 -2.65 -2.09 11.54
C GLU B 28 -2.41 -1.11 12.68
N LYS B 29 -1.14 -0.79 12.98
CA LYS B 29 -0.86 0.23 13.98
C LYS B 29 -1.29 1.61 13.50
N ALA B 30 -1.05 1.92 12.23
CA ALA B 30 -1.42 3.22 11.68
C ALA B 30 -2.90 3.36 11.41
N ALA B 31 -3.64 2.24 11.30
CA ALA B 31 -5.07 2.32 11.05
C ALA B 31 -5.85 2.74 12.29
N ARG B 32 -5.33 2.45 13.48
CA ARG B 32 -5.98 2.83 14.73
C ARG B 32 -5.65 4.27 15.14
N GLU B 33 -4.74 4.93 14.44
CA GLU B 33 -4.38 6.31 14.72
C GLU B 33 -5.36 7.25 14.04
N VAL B 34 -5.53 8.43 14.63
CA VAL B 34 -6.43 9.45 14.12
C VAL B 34 -5.59 10.53 13.45
N LYS B 35 -5.86 10.76 12.17
CA LYS B 35 -5.13 11.74 11.38
C LYS B 35 -5.92 13.04 11.36
N LEU B 36 -5.30 14.13 11.80
CA LEU B 36 -5.93 15.44 11.84
C LEU B 36 -5.07 16.44 11.08
N LEU B 37 -5.71 17.22 10.23
CA LEU B 37 -5.04 18.26 9.47
C LEU B 37 -5.29 19.61 10.17
N LEU B 38 -4.22 20.27 10.59
CA LEU B 38 -4.30 21.54 11.30
C LEU B 38 -4.14 22.68 10.30
N LEU B 39 -5.12 23.56 10.24
CA LEU B 39 -5.15 24.64 9.27
C LEU B 39 -5.53 25.95 9.94
N GLY B 40 -5.17 27.04 9.29
CA GLY B 40 -5.48 28.37 9.78
C GLY B 40 -4.76 29.42 8.97
N ALA B 41 -5.27 30.65 9.07
CA ALA B 41 -4.71 31.77 8.31
C ALA B 41 -3.56 32.38 9.09
N GLY B 42 -2.34 31.95 8.79
CA GLY B 42 -1.18 32.49 9.47
C GLY B 42 -1.08 32.01 10.91
N GLU B 43 -0.25 32.70 11.68
CA GLU B 43 -0.07 32.41 13.10
C GLU B 43 -1.18 33.13 13.86
N SER B 44 -2.33 32.46 13.97
CA SER B 44 -3.50 33.04 14.64
C SER B 44 -3.80 32.33 15.95
N GLY B 45 -3.98 31.01 15.92
CA GLY B 45 -4.22 30.26 17.13
C GLY B 45 -3.68 28.85 17.09
N LYS B 46 -2.85 28.53 16.10
CA LYS B 46 -2.35 27.16 15.96
C LYS B 46 -1.45 26.76 17.13
N ASN B 47 -0.56 27.66 17.55
CA ASN B 47 0.42 27.32 18.56
C ASN B 47 -0.20 27.06 19.92
N THR B 48 -1.17 27.90 20.33
CA THR B 48 -1.84 27.69 21.61
C THR B 48 -2.61 26.38 21.63
N ILE B 49 -3.28 26.06 20.52
CA ILE B 49 -4.00 24.79 20.38
C ILE B 49 -3.02 23.61 20.47
N VAL B 50 -1.85 23.74 19.83
CA VAL B 50 -0.85 22.68 19.82
C VAL B 50 -0.33 22.42 21.23
N LYS B 51 0.02 23.47 21.96
CA LYS B 51 0.45 23.26 23.34
C LYS B 51 -0.71 22.88 24.26
N GLN B 52 -1.95 23.13 23.85
CA GLN B 52 -3.08 22.67 24.66
C GLN B 52 -3.23 21.15 24.57
N MET B 53 -3.11 20.58 23.37
CA MET B 53 -3.01 19.11 23.37
C MET B 53 -1.64 18.63 23.82
N LYS B 54 -0.57 19.26 23.35
CA LYS B 54 0.78 18.78 23.62
C LYS B 54 1.65 19.87 24.22
N THR B 182 12.07 23.47 7.63
CA THR B 182 10.80 23.34 8.32
C THR B 182 9.66 23.07 7.35
N GLY B 183 9.22 21.81 7.27
CA GLY B 183 8.15 21.46 6.37
C GLY B 183 6.84 21.21 7.07
N ILE B 184 6.48 19.96 7.26
CA ILE B 184 5.26 19.58 7.97
C ILE B 184 5.63 19.24 9.41
N VAL B 185 4.79 19.65 10.35
CA VAL B 185 5.03 19.46 11.78
C VAL B 185 4.13 18.33 12.26
N GLU B 186 4.74 17.36 12.94
CA GLU B 186 4.03 16.21 13.48
C GLU B 186 3.79 16.43 14.98
N THR B 187 2.52 16.37 15.38
CA THR B 187 2.13 16.49 16.77
C THR B 187 1.42 15.21 17.19
N HIS B 188 1.98 14.53 18.19
CA HIS B 188 1.46 13.25 18.65
C HIS B 188 0.95 13.42 20.07
N PHE B 189 -0.30 13.02 20.30
CA PHE B 189 -0.86 13.04 21.64
C PHE B 189 -1.88 11.91 21.76
N THR B 190 -2.02 11.39 22.97
CA THR B 190 -2.95 10.31 23.28
C THR B 190 -4.00 10.81 24.26
N PHE B 191 -5.26 10.56 23.95
CA PHE B 191 -6.37 10.97 24.81
C PHE B 191 -7.39 9.85 24.84
N LYS B 192 -7.65 9.33 26.05
CA LYS B 192 -8.62 8.24 26.29
C LYS B 192 -8.29 7.01 25.45
N ASP B 193 -7.03 6.58 25.54
CA ASP B 193 -6.50 5.39 24.85
C ASP B 193 -6.66 5.48 23.33
N LEU B 194 -6.57 6.69 22.79
CA LEU B 194 -6.68 6.94 21.36
C LEU B 194 -5.52 7.82 20.93
N HIS B 195 -4.69 7.32 20.03
CA HIS B 195 -3.54 8.06 19.54
C HIS B 195 -3.96 8.98 18.41
N PHE B 196 -3.44 10.21 18.43
CA PHE B 196 -3.79 11.23 17.46
C PHE B 196 -2.54 11.67 16.71
N LYS B 197 -2.66 11.77 15.39
CA LYS B 197 -1.61 12.30 14.53
C LYS B 197 -2.14 13.61 13.95
N MET B 198 -1.64 14.73 14.45
CA MET B 198 -2.10 16.05 14.00
C MET B 198 -0.97 16.70 13.21
N PHE B 199 -1.24 17.06 11.97
CA PHE B 199 -0.25 17.57 11.03
C PHE B 199 -0.46 19.06 10.81
N ASP B 200 0.60 19.83 11.01
CA ASP B 200 0.57 21.28 10.77
C ASP B 200 1.28 21.57 9.46
N VAL B 201 0.55 22.18 8.53
CA VAL B 201 1.09 22.47 7.21
C VAL B 201 1.46 23.95 7.12
N GLY B 202 1.74 24.56 8.27
CA GLY B 202 2.22 25.92 8.28
C GLY B 202 3.62 26.02 7.68
N ALA B 203 3.91 27.23 7.18
CA ALA B 203 5.14 27.57 6.46
C ALA B 203 5.36 26.72 5.20
N GLN B 204 4.29 26.14 4.66
CA GLN B 204 4.32 25.49 3.35
C GLN B 204 3.72 26.47 2.36
N ARG B 205 4.51 27.49 2.00
CA ARG B 205 4.04 28.58 1.15
C ARG B 205 4.20 28.16 -0.32
N SER B 206 3.19 27.46 -0.81
CA SER B 206 3.15 27.00 -2.20
C SER B 206 1.68 26.90 -2.61
N GLU B 207 1.43 26.31 -3.78
CA GLU B 207 0.07 26.02 -4.18
C GLU B 207 -0.46 24.87 -3.35
N ARG B 208 -1.60 25.10 -2.69
CA ARG B 208 -2.17 24.10 -1.81
C ARG B 208 -2.68 22.89 -2.57
N LYS B 209 -3.24 23.10 -3.77
CA LYS B 209 -3.88 22.03 -4.53
C LYS B 209 -2.92 20.96 -5.01
N LYS B 210 -1.62 21.22 -4.97
CA LYS B 210 -0.63 20.23 -5.39
C LYS B 210 -0.26 19.25 -4.28
N TRP B 211 -0.62 19.53 -3.03
CA TRP B 211 -0.32 18.60 -1.94
C TRP B 211 -1.50 18.40 -0.99
N ILE B 212 -2.64 19.05 -1.20
CA ILE B 212 -3.79 18.88 -0.31
C ILE B 212 -4.49 17.56 -0.52
N HIS B 213 -4.22 16.86 -1.63
CA HIS B 213 -4.76 15.52 -1.82
C HIS B 213 -4.02 14.47 -1.01
N CYS B 214 -2.88 14.82 -0.43
CA CYS B 214 -2.18 13.91 0.45
C CYS B 214 -2.96 13.67 1.74
N PHE B 215 -3.75 14.66 2.16
CA PHE B 215 -4.55 14.58 3.37
C PHE B 215 -6.01 14.22 3.09
N GLU B 216 -6.26 13.50 2.00
CA GLU B 216 -7.62 13.13 1.66
C GLU B 216 -8.22 12.15 2.66
N GLY B 217 -7.41 11.28 3.24
CA GLY B 217 -7.90 10.26 4.13
C GLY B 217 -7.80 10.58 5.60
N VAL B 218 -7.67 11.86 5.96
CA VAL B 218 -7.60 12.24 7.36
C VAL B 218 -8.97 12.09 8.00
N THR B 219 -8.97 11.90 9.32
CA THR B 219 -10.21 11.73 10.06
C THR B 219 -11.01 13.03 10.10
N ALA B 220 -10.36 14.13 10.43
CA ALA B 220 -11.03 15.42 10.51
C ALA B 220 -10.01 16.52 10.28
N ILE B 221 -10.52 17.71 9.98
CA ILE B 221 -9.70 18.90 9.78
C ILE B 221 -9.93 19.82 10.96
N ILE B 222 -8.86 20.18 11.67
CA ILE B 222 -8.93 21.13 12.76
C ILE B 222 -8.56 22.49 12.20
N PHE B 223 -9.53 23.38 12.12
CA PHE B 223 -9.36 24.71 11.54
C PHE B 223 -9.34 25.72 12.67
N CYS B 224 -8.22 26.43 12.82
CA CYS B 224 -8.03 27.39 13.90
C CYS B 224 -8.21 28.80 13.36
N VAL B 225 -9.14 29.54 13.95
CA VAL B 225 -9.45 30.91 13.55
C VAL B 225 -9.38 31.80 14.77
N ALA B 226 -8.57 32.86 14.69
CA ALA B 226 -8.57 33.86 15.75
C ALA B 226 -9.84 34.70 15.66
N LEU B 227 -10.43 34.99 16.82
CA LEU B 227 -11.58 35.87 16.85
C LEU B 227 -11.20 37.34 16.96
N SER B 228 -9.95 37.63 17.33
CA SER B 228 -9.55 39.01 17.61
C SER B 228 -9.04 39.75 16.37
N ASP B 229 -8.83 39.05 15.26
CA ASP B 229 -8.29 39.68 14.05
C ASP B 229 -9.38 40.12 13.08
N TYR B 230 -10.59 40.41 13.57
CA TYR B 230 -11.64 40.89 12.69
C TYR B 230 -11.38 42.31 12.22
N ASP B 231 -10.66 43.10 13.01
CA ASP B 231 -10.32 44.47 12.63
C ASP B 231 -8.87 44.64 12.21
N LEU B 232 -8.00 43.67 12.50
CA LEU B 232 -6.62 43.75 12.06
C LEU B 232 -6.52 43.55 10.54
N VAL B 233 -5.41 44.02 9.98
CA VAL B 233 -5.12 43.87 8.57
C VAL B 233 -4.04 42.81 8.40
N LEU B 234 -4.08 42.12 7.27
CA LEU B 234 -3.12 41.06 6.99
C LEU B 234 -1.72 41.61 6.71
N ALA B 235 -1.64 42.85 6.23
CA ALA B 235 -0.44 43.61 5.87
C ALA B 235 0.29 43.04 4.67
N GLU B 236 -0.18 41.95 4.07
CA GLU B 236 0.42 41.46 2.83
C GLU B 236 -0.24 42.09 1.61
N ASP B 237 -1.54 42.35 1.70
CA ASP B 237 -2.29 43.04 0.66
C ASP B 237 -2.91 44.30 1.23
N GLU B 238 -3.02 45.33 0.41
CA GLU B 238 -3.62 46.59 0.85
C GLU B 238 -5.13 46.42 1.03
N GLU B 239 -5.63 46.94 2.15
CA GLU B 239 -7.04 46.85 2.55
C GLU B 239 -7.52 45.40 2.60
N MET B 240 -6.70 44.52 3.17
CA MET B 240 -7.03 43.12 3.32
C MET B 240 -7.28 42.80 4.78
N ASN B 241 -8.38 42.10 5.05
CA ASN B 241 -8.76 41.73 6.41
C ASN B 241 -8.28 40.32 6.71
N ARG B 242 -7.73 40.12 7.91
CA ARG B 242 -7.35 38.78 8.35
C ARG B 242 -8.58 37.89 8.48
N MET B 243 -9.70 38.45 8.95
CA MET B 243 -10.93 37.71 9.09
C MET B 243 -11.42 37.19 7.74
N HIS B 244 -11.41 38.07 6.73
CA HIS B 244 -11.87 37.67 5.41
C HIS B 244 -10.91 36.70 4.74
N ALA B 245 -9.62 36.80 5.04
CA ALA B 245 -8.66 35.79 4.59
C ALA B 245 -8.98 34.43 5.21
N SER B 246 -9.35 34.43 6.50
CA SER B 246 -9.77 33.18 7.15
C SER B 246 -11.04 32.63 6.52
N MET B 247 -11.99 33.50 6.18
CA MET B 247 -13.21 33.07 5.49
C MET B 247 -12.90 32.46 4.13
N LYS B 248 -11.99 33.08 3.38
CA LYS B 248 -11.65 32.54 2.06
C LYS B 248 -10.91 31.22 2.15
N LEU B 249 -10.00 31.09 3.12
CA LEU B 249 -9.30 29.83 3.33
C LEU B 249 -10.26 28.73 3.77
N PHE B 250 -11.22 29.06 4.65
CA PHE B 250 -12.23 28.10 5.08
C PHE B 250 -13.14 27.70 3.92
N ASP B 251 -13.49 28.65 3.05
CA ASP B 251 -14.31 28.34 1.89
C ASP B 251 -13.56 27.42 0.92
N SER B 252 -12.26 27.65 0.75
CA SER B 252 -11.48 26.79 -0.13
C SER B 252 -11.29 25.39 0.44
N ILE B 253 -11.04 25.30 1.75
CA ILE B 253 -10.77 24.01 2.38
C ILE B 253 -12.05 23.19 2.53
N CYS B 254 -13.14 23.84 2.99
CA CYS B 254 -14.38 23.12 3.27
C CYS B 254 -15.03 22.58 2.01
N ASN B 255 -15.06 23.39 0.94
CA ASN B 255 -15.68 23.00 -0.32
C ASN B 255 -14.69 22.38 -1.29
N ASN B 256 -13.55 21.90 -0.79
CA ASN B 256 -12.56 21.25 -1.62
C ASN B 256 -13.07 19.90 -2.07
N LYS B 257 -12.58 19.45 -3.22
CA LYS B 257 -13.03 18.17 -3.78
C LYS B 257 -12.51 16.98 -2.97
N TRP B 258 -11.39 17.16 -2.27
CA TRP B 258 -10.82 16.08 -1.47
C TRP B 258 -11.41 15.99 -0.08
N PHE B 259 -12.16 17.00 0.35
CA PHE B 259 -12.75 17.04 1.69
C PHE B 259 -14.27 17.12 1.61
N THR B 260 -14.86 16.34 0.71
CA THR B 260 -16.32 16.34 0.59
C THR B 260 -16.99 15.72 1.81
N ASP B 261 -16.45 14.61 2.30
CA ASP B 261 -17.01 13.91 3.46
C ASP B 261 -16.11 13.98 4.69
N THR B 262 -15.18 14.93 4.73
CA THR B 262 -14.27 15.11 5.85
C THR B 262 -14.81 16.22 6.74
N SER B 263 -15.09 15.88 8.00
CA SER B 263 -15.64 16.85 8.92
C SER B 263 -14.57 17.85 9.36
N ILE B 264 -15.02 19.04 9.76
CA ILE B 264 -14.15 20.13 10.15
C ILE B 264 -14.42 20.49 11.59
N ILE B 265 -13.38 20.46 12.42
CA ILE B 265 -13.45 20.89 13.81
C ILE B 265 -12.96 22.33 13.83
N LEU B 266 -13.87 23.29 13.70
CA LEU B 266 -13.51 24.69 13.65
C LEU B 266 -13.29 25.21 15.06
N PHE B 267 -12.12 25.79 15.32
CA PHE B 267 -11.81 26.39 16.60
C PHE B 267 -11.75 27.90 16.45
N LEU B 268 -12.50 28.61 17.29
CA LEU B 268 -12.53 30.06 17.27
C LEU B 268 -11.65 30.56 18.41
N ASN B 269 -10.39 30.85 18.08
CA ASN B 269 -9.38 31.17 19.07
C ASN B 269 -9.59 32.57 19.66
N LYS B 270 -9.07 32.75 20.87
CA LYS B 270 -8.95 34.06 21.54
C LYS B 270 -10.33 34.71 21.75
N LYS B 271 -11.18 34.02 22.50
CA LYS B 271 -12.50 34.55 22.79
C LYS B 271 -12.47 35.66 23.84
N ASP B 272 -11.55 35.60 24.80
CA ASP B 272 -11.51 36.61 25.85
C ASP B 272 -10.94 37.93 25.33
N LEU B 273 -9.89 37.85 24.49
CA LEU B 273 -9.34 39.05 23.87
C LEU B 273 -10.38 39.71 22.97
N PHE B 274 -11.10 38.92 22.19
CA PHE B 274 -12.17 39.42 21.33
C PHE B 274 -13.29 40.04 22.16
N GLU B 275 -13.64 39.41 23.29
CA GLU B 275 -14.66 39.95 24.17
C GLU B 275 -14.25 41.30 24.76
N GLU B 276 -12.99 41.44 25.17
CA GLU B 276 -12.58 42.69 25.78
C GLU B 276 -12.30 43.78 24.74
N LYS B 277 -12.05 43.42 23.48
CA LYS B 277 -11.78 44.45 22.48
C LYS B 277 -12.99 44.79 21.61
N ILE B 278 -14.06 44.01 21.69
CA ILE B 278 -15.23 44.33 20.87
C ILE B 278 -15.92 45.60 21.37
N LYS B 279 -15.73 45.96 22.64
CA LYS B 279 -16.27 47.21 23.16
C LYS B 279 -15.56 48.41 22.54
N LYS B 280 -14.25 48.31 22.35
CA LYS B 280 -13.50 49.41 21.75
C LYS B 280 -13.75 49.50 20.24
N SER B 281 -13.76 48.37 19.56
CA SER B 281 -13.89 48.33 18.10
C SER B 281 -15.11 47.51 17.71
N PRO B 282 -16.07 48.08 16.99
CA PRO B 282 -17.25 47.30 16.59
C PRO B 282 -16.91 46.31 15.49
N LEU B 283 -17.77 45.29 15.36
CA LEU B 283 -17.62 44.28 14.33
C LEU B 283 -18.10 44.77 12.97
N THR B 284 -18.85 45.88 12.92
CA THR B 284 -19.36 46.41 11.66
C THR B 284 -18.25 46.89 10.73
N ILE B 285 -17.05 47.16 11.25
CA ILE B 285 -15.91 47.48 10.39
C ILE B 285 -15.45 46.23 9.64
N CYS B 286 -15.76 45.04 10.16
CA CYS B 286 -15.44 43.79 9.50
C CYS B 286 -16.58 43.30 8.63
N TYR B 287 -17.78 43.18 9.20
CA TYR B 287 -18.96 42.77 8.45
C TYR B 287 -19.90 43.97 8.33
N PRO B 288 -19.96 44.62 7.16
CA PRO B 288 -20.83 45.79 7.01
C PRO B 288 -22.32 45.48 7.14
N GLU B 289 -22.74 44.27 6.81
CA GLU B 289 -24.14 43.89 6.89
C GLU B 289 -24.57 43.46 8.29
N TYR B 290 -23.64 43.40 9.25
CA TYR B 290 -23.99 43.04 10.61
C TYR B 290 -24.72 44.18 11.30
N ALA B 291 -25.87 43.87 11.90
CA ALA B 291 -26.70 44.89 12.55
C ALA B 291 -27.05 44.51 13.99
N GLY B 292 -26.42 43.49 14.55
CA GLY B 292 -26.69 43.10 15.91
C GLY B 292 -25.99 43.97 16.92
N SER B 293 -26.23 43.65 18.20
CA SER B 293 -25.63 44.40 19.30
C SER B 293 -24.14 44.08 19.40
N ASN B 294 -23.40 45.01 20.03
CA ASN B 294 -21.96 44.86 20.21
C ASN B 294 -21.66 44.11 21.51
N THR B 295 -22.19 42.89 21.59
CA THR B 295 -21.96 42.00 22.71
C THR B 295 -21.14 40.80 22.23
N TYR B 296 -20.54 40.09 23.19
CA TYR B 296 -19.68 38.96 22.85
C TYR B 296 -20.49 37.80 22.29
N GLU B 297 -21.63 37.48 22.92
CA GLU B 297 -22.37 36.28 22.56
C GLU B 297 -23.00 36.39 21.19
N GLU B 298 -23.69 37.50 20.92
CA GLU B 298 -24.39 37.67 19.66
C GLU B 298 -23.43 37.77 18.48
N ALA B 299 -22.35 38.55 18.64
CA ALA B 299 -21.37 38.69 17.57
C ALA B 299 -20.56 37.42 17.37
N ALA B 300 -20.26 36.69 18.44
CA ALA B 300 -19.58 35.41 18.32
C ALA B 300 -20.45 34.40 17.59
N ALA B 301 -21.75 34.35 17.91
CA ALA B 301 -22.66 33.48 17.19
C ALA B 301 -22.79 33.90 15.73
N TYR B 302 -22.75 35.21 15.46
CA TYR B 302 -22.80 35.68 14.09
C TYR B 302 -21.57 35.26 13.30
N ILE B 303 -20.39 35.33 13.93
CA ILE B 303 -19.15 34.91 13.27
C ILE B 303 -19.18 33.41 13.01
N GLN B 304 -19.66 32.63 13.98
CA GLN B 304 -19.79 31.18 13.79
C GLN B 304 -20.76 30.85 12.68
N CYS B 305 -21.88 31.59 12.59
CA CYS B 305 -22.85 31.36 11.52
C CYS B 305 -22.27 31.75 10.16
N GLN B 306 -21.49 32.83 10.11
CA GLN B 306 -20.84 33.22 8.86
C GLN B 306 -19.82 32.19 8.41
N PHE B 307 -19.10 31.57 9.34
CA PHE B 307 -18.16 30.51 8.96
C PHE B 307 -18.90 29.24 8.54
N GLU B 308 -20.00 28.91 9.20
CA GLU B 308 -20.76 27.71 8.84
C GLU B 308 -21.54 27.90 7.55
N ASP B 309 -21.80 29.15 7.14
CA ASP B 309 -22.48 29.40 5.87
C ASP B 309 -21.61 29.10 4.66
N LEU B 310 -20.28 29.04 4.84
CA LEU B 310 -19.38 28.71 3.76
C LEU B 310 -19.43 27.25 3.37
N ASN B 311 -20.08 26.40 4.17
CA ASN B 311 -20.21 24.98 3.86
C ASN B 311 -21.34 24.80 2.85
N LYS B 312 -20.99 24.47 1.61
CA LYS B 312 -21.97 24.16 0.59
C LYS B 312 -22.28 22.67 0.53
N ARG B 313 -21.71 21.87 1.42
CA ARG B 313 -21.91 20.43 1.43
C ARG B 313 -22.49 19.98 2.78
N LYS B 314 -23.53 20.70 3.25
CA LYS B 314 -24.12 20.43 4.55
C LYS B 314 -24.79 19.05 4.63
N ASP B 315 -25.15 18.46 3.49
CA ASP B 315 -25.82 17.16 3.48
C ASP B 315 -24.84 16.00 3.62
N THR B 316 -23.53 16.26 3.56
CA THR B 316 -22.56 15.17 3.58
C THR B 316 -21.37 15.42 4.52
N LYS B 317 -21.31 16.55 5.20
CA LYS B 317 -20.24 16.79 6.17
C LYS B 317 -20.78 17.64 7.31
N GLU B 318 -20.08 17.53 8.44
CA GLU B 318 -20.48 18.26 9.66
C GLU B 318 -19.36 19.18 10.10
N ILE B 319 -19.71 20.38 10.56
CA ILE B 319 -18.75 21.35 11.07
C ILE B 319 -18.98 21.50 12.57
N TYR B 320 -17.93 21.25 13.35
CA TYR B 320 -17.97 21.39 14.79
C TYR B 320 -17.27 22.68 15.18
N THR B 321 -17.95 23.55 15.90
CA THR B 321 -17.44 24.85 16.28
C THR B 321 -17.27 24.91 17.78
N HIS B 322 -16.10 25.37 18.23
CA HIS B 322 -15.82 25.49 19.64
C HIS B 322 -15.15 26.83 19.85
N PHE B 323 -15.46 27.48 20.97
CA PHE B 323 -14.83 28.75 21.26
C PHE B 323 -13.79 28.47 22.32
N THR B 324 -12.53 28.76 21.99
CA THR B 324 -11.44 28.50 22.89
C THR B 324 -10.65 29.72 23.32
N CYS B 325 -10.42 29.81 24.63
CA CYS B 325 -9.65 30.88 25.23
C CYS B 325 -8.17 30.54 25.16
N SER B 326 -7.31 31.46 25.61
CA SER B 326 -5.88 31.23 25.58
C SER B 326 -5.48 30.02 26.41
N THR B 327 -6.12 29.82 27.56
CA THR B 327 -5.84 28.68 28.41
C THR B 327 -7.14 27.94 28.72
N ASP B 328 -7.60 27.15 27.76
CA ASP B 328 -8.83 26.39 27.92
C ASP B 328 -8.52 24.89 27.96
N THR B 329 -8.95 24.22 29.03
CA THR B 329 -8.57 22.78 29.22
C THR B 329 -9.39 21.82 28.36
N LYS B 330 -10.68 22.07 28.14
CA LYS B 330 -11.52 21.05 27.44
C LYS B 330 -11.42 21.07 25.91
N ASN B 331 -10.34 21.62 25.33
CA ASN B 331 -10.18 21.54 23.88
C ASN B 331 -9.98 20.11 23.37
N VAL B 332 -9.21 19.30 24.07
CA VAL B 332 -8.97 17.92 23.64
C VAL B 332 -10.25 17.09 23.64
N GLN B 333 -11.08 17.25 24.68
CA GLN B 333 -12.35 16.54 24.77
C GLN B 333 -13.26 16.86 23.59
N PHE B 334 -13.29 18.12 23.15
CA PHE B 334 -14.08 18.50 21.98
C PHE B 334 -13.56 17.80 20.72
N VAL B 335 -12.23 17.76 20.55
CA VAL B 335 -11.64 17.06 19.42
C VAL B 335 -11.97 15.57 19.48
N PHE B 336 -11.90 14.98 20.68
CA PHE B 336 -12.22 13.56 20.85
C PHE B 336 -13.68 13.28 20.51
N ASP B 337 -14.59 14.15 20.93
CA ASP B 337 -16.01 13.97 20.62
C ASP B 337 -16.27 14.07 19.12
N ALA B 338 -15.67 15.06 18.45
CA ALA B 338 -15.86 15.18 17.01
C ALA B 338 -15.27 14.00 16.26
N VAL B 339 -14.08 13.56 16.66
CA VAL B 339 -13.44 12.40 16.05
C VAL B 339 -14.25 11.13 16.30
N THR B 340 -14.86 11.02 17.48
CA THR B 340 -15.72 9.87 17.77
C THR B 340 -16.97 9.87 16.89
N ASP B 341 -17.56 11.04 16.66
CA ASP B 341 -18.70 11.11 15.75
C ASP B 341 -18.29 10.73 14.32
N VAL B 342 -17.12 11.20 13.87
CA VAL B 342 -16.61 10.83 12.55
C VAL B 342 -16.36 9.32 12.46
N ILE B 343 -15.83 8.74 13.54
CA ILE B 343 -15.53 7.31 13.56
C ILE B 343 -16.82 6.49 13.57
N ILE B 344 -17.86 6.99 14.26
CA ILE B 344 -19.18 6.34 14.21
C ILE B 344 -19.72 6.37 12.79
N LYS B 345 -19.59 7.52 12.13
CA LYS B 345 -20.05 7.64 10.72
C LYS B 345 -19.30 6.62 9.86
N ASN B 346 -17.99 6.51 10.05
CA ASN B 346 -17.20 5.48 9.30
C ASN B 346 -17.68 4.07 9.69
N ASN B 347 -17.65 3.64 10.95
CA ASN B 347 -18.00 2.23 11.28
C ASN B 347 -19.34 1.86 10.62
N LEU B 348 -20.34 2.73 10.69
CA LEU B 348 -21.69 2.48 10.12
C LEU B 348 -21.61 2.14 8.62
N LYS B 349 -20.73 2.76 7.85
CA LYS B 349 -20.53 2.37 6.42
C LYS B 349 -20.12 0.90 6.35
N ASP B 350 -19.09 0.48 7.09
CA ASP B 350 -18.63 -0.92 7.15
C ASP B 350 -19.80 -1.89 7.38
N CYS B 351 -20.64 -1.63 8.38
CA CYS B 351 -21.81 -2.46 8.71
C CYS B 351 -22.79 -2.40 7.56
N GLY B 352 -22.54 -1.55 6.56
CA GLY B 352 -23.44 -1.37 5.41
C GLY B 352 -24.75 -0.79 5.86
N LEU B 353 -24.70 0.27 6.67
CA LEU B 353 -25.94 0.81 7.27
C LEU B 353 -25.91 2.34 7.21
N PHE B 354 -24.88 2.92 6.59
CA PHE B 354 -24.89 4.40 6.45
C PHE B 354 -25.52 4.77 5.10
N SER C 7 10.64 56.15 -16.32
CA SER C 7 10.57 54.91 -15.55
C SER C 7 11.37 53.80 -16.24
N GLU C 8 12.37 53.27 -15.53
CA GLU C 8 13.17 52.18 -16.09
C GLU C 8 12.41 50.87 -16.07
N LEU C 9 11.47 50.70 -15.12
CA LEU C 9 10.73 49.45 -15.02
C LEU C 9 9.82 49.25 -16.22
N ASP C 10 9.11 50.30 -16.65
CA ASP C 10 8.24 50.19 -17.81
C ASP C 10 9.04 49.97 -19.09
N GLN C 11 10.21 50.61 -19.20
CA GLN C 11 11.08 50.39 -20.35
C GLN C 11 11.59 48.96 -20.39
N LEU C 12 11.94 48.39 -19.23
CA LEU C 12 12.40 47.00 -19.21
C LEU C 12 11.27 46.03 -19.47
N ARG C 13 10.04 46.34 -19.02
CA ARG C 13 8.90 45.50 -19.40
C ARG C 13 8.63 45.55 -20.89
N GLN C 14 8.76 46.73 -21.50
CA GLN C 14 8.61 46.85 -22.95
C GLN C 14 9.70 46.09 -23.69
N GLU C 15 10.93 46.13 -23.18
CA GLU C 15 12.02 45.38 -23.79
C GLU C 15 11.80 43.87 -23.65
N ALA C 16 11.29 43.42 -22.50
CA ALA C 16 10.98 42.01 -22.32
C ALA C 16 9.86 41.56 -23.25
N GLU C 17 8.84 42.42 -23.44
CA GLU C 17 7.78 42.10 -24.39
C GLU C 17 8.30 42.04 -25.81
N GLN C 18 9.22 42.95 -26.17
CA GLN C 18 9.84 42.92 -27.50
C GLN C 18 10.68 41.66 -27.68
N LEU C 19 11.41 41.25 -26.64
CA LEU C 19 12.22 40.03 -26.72
C LEU C 19 11.34 38.79 -26.85
N LYS C 20 10.22 38.76 -26.12
CA LYS C 20 9.29 37.64 -26.24
C LYS C 20 8.66 37.58 -27.62
N ASN C 21 8.32 38.75 -28.20
CA ASN C 21 7.80 38.78 -29.55
C ASN C 21 8.86 38.34 -30.57
N GLN C 22 10.12 38.71 -30.34
CA GLN C 22 11.20 38.26 -31.21
C GLN C 22 11.39 36.74 -31.13
N ILE C 23 11.30 36.18 -29.92
CA ILE C 23 11.40 34.73 -29.75
C ILE C 23 10.24 34.02 -30.43
N ARG C 24 9.03 34.56 -30.28
CA ARG C 24 7.86 33.97 -30.93
C ARG C 24 7.96 34.05 -32.45
N ASP C 25 8.46 35.17 -32.97
CA ASP C 25 8.62 35.31 -34.41
C ASP C 25 9.71 34.39 -34.95
N ALA C 26 10.79 34.20 -34.18
CA ALA C 26 11.84 33.27 -34.59
C ALA C 26 11.34 31.83 -34.56
N ARG C 27 10.48 31.49 -33.61
CA ARG C 27 9.86 30.17 -33.60
C ARG C 27 8.91 29.98 -34.77
N LYS C 28 8.12 31.02 -35.09
CA LYS C 28 7.13 30.90 -36.17
C LYS C 28 7.81 30.84 -37.53
N ALA C 29 8.86 31.63 -37.75
CA ALA C 29 9.55 31.63 -39.03
C ALA C 29 10.36 30.36 -39.26
N CYS C 30 10.76 29.68 -38.20
CA CYS C 30 11.56 28.47 -38.31
C CYS C 30 10.69 27.22 -38.46
N ALA C 31 9.39 27.32 -38.27
CA ALA C 31 8.49 26.19 -38.40
C ALA C 31 7.88 26.18 -39.80
N ASP C 32 8.15 25.11 -40.56
CA ASP C 32 7.66 24.98 -41.93
C ASP C 32 6.71 23.81 -42.09
N ALA C 33 7.07 22.64 -41.60
CA ALA C 33 6.22 21.45 -41.69
C ALA C 33 6.22 20.74 -40.36
N THR C 34 5.04 20.50 -39.80
CA THR C 34 4.93 19.92 -38.48
C THR C 34 5.28 18.42 -38.52
N LEU C 35 5.31 17.82 -37.33
CA LEU C 35 5.60 16.40 -37.22
C LEU C 35 4.50 15.54 -37.84
N SER C 36 3.25 16.00 -37.77
CA SER C 36 2.15 15.28 -38.41
C SER C 36 2.30 15.27 -39.93
N GLN C 37 2.68 16.41 -40.51
CA GLN C 37 2.76 16.53 -41.97
C GLN C 37 3.86 15.67 -42.58
N ILE C 38 4.85 15.25 -41.80
CA ILE C 38 5.93 14.43 -42.31
C ILE C 38 5.70 12.98 -41.89
N THR C 39 5.03 12.78 -40.76
CA THR C 39 4.87 11.46 -40.19
C THR C 39 3.60 10.75 -40.68
N ASN C 40 2.66 11.48 -41.28
CA ASN C 40 1.42 10.86 -41.73
C ASN C 40 1.60 9.88 -42.88
N ASN C 41 2.77 9.82 -43.50
CA ASN C 41 3.03 8.92 -44.62
C ASN C 41 3.74 7.63 -44.22
N ILE C 42 3.91 7.36 -42.92
CA ILE C 42 4.51 6.11 -42.49
C ILE C 42 3.45 5.28 -41.78
N ASP C 43 3.76 4.01 -41.60
CA ASP C 43 2.78 3.07 -41.06
C ASP C 43 2.56 3.33 -39.57
N PRO C 44 1.31 3.25 -39.10
CA PRO C 44 1.05 3.39 -37.66
C PRO C 44 1.50 2.16 -36.89
N VAL C 45 1.49 2.30 -35.56
CA VAL C 45 1.92 1.22 -34.68
C VAL C 45 0.84 0.18 -34.44
N GLY C 46 -0.37 0.39 -34.96
CA GLY C 46 -1.46 -0.53 -34.70
C GLY C 46 -2.01 -0.38 -33.30
N ARG C 47 -2.57 -1.47 -32.77
CA ARG C 47 -3.12 -1.49 -31.43
C ARG C 47 -2.09 -2.13 -30.50
N ILE C 48 -1.66 -1.38 -29.49
CA ILE C 48 -0.67 -1.85 -28.52
C ILE C 48 -1.43 -2.34 -27.30
N GLN C 49 -1.47 -3.65 -27.10
CA GLN C 49 -2.15 -4.26 -25.98
C GLN C 49 -1.14 -4.83 -25.01
N MET C 50 -1.23 -4.40 -23.74
CA MET C 50 -0.36 -4.86 -22.69
C MET C 50 -1.18 -5.53 -21.59
N ARG C 51 -0.63 -6.59 -21.00
CA ARG C 51 -1.28 -7.34 -19.95
C ARG C 51 -0.51 -7.19 -18.65
N THR C 52 -1.24 -7.15 -17.54
CA THR C 52 -0.61 -7.07 -16.22
C THR C 52 0.13 -8.36 -15.91
N ARG C 53 1.46 -8.32 -15.98
CA ARG C 53 2.25 -9.52 -15.75
C ARG C 53 2.49 -9.74 -14.26
N ARG C 54 2.78 -8.68 -13.51
CA ARG C 54 2.93 -8.75 -12.07
C ARG C 54 2.07 -7.69 -11.42
N THR C 55 1.59 -7.97 -10.22
CA THR C 55 0.88 -7.02 -9.39
C THR C 55 1.60 -6.95 -8.05
N LEU C 56 2.27 -5.84 -7.79
CA LEU C 56 3.09 -5.69 -6.59
C LEU C 56 2.22 -5.14 -5.47
N ARG C 57 1.88 -5.99 -4.51
CA ARG C 57 1.07 -5.64 -3.37
C ARG C 57 1.94 -5.52 -2.12
N GLY C 58 1.50 -4.68 -1.19
CA GLY C 58 2.25 -4.46 0.04
C GLY C 58 2.19 -3.04 0.55
N HIS C 59 1.98 -2.08 -0.34
CA HIS C 59 1.70 -0.72 0.08
C HIS C 59 0.26 -0.63 0.58
N LEU C 60 0.05 0.24 1.58
CA LEU C 60 -1.25 0.38 2.20
C LEU C 60 -1.84 1.78 2.08
N ALA C 61 -1.12 2.72 1.46
CA ALA C 61 -1.66 4.04 1.17
C ALA C 61 -1.46 4.35 -0.30
N LYS C 62 -1.78 5.57 -0.71
CA LYS C 62 -1.66 5.96 -2.11
C LYS C 62 -0.18 6.00 -2.50
N ILE C 63 0.17 5.25 -3.54
CA ILE C 63 1.54 5.25 -4.05
C ILE C 63 1.75 6.52 -4.85
N TYR C 64 2.72 7.32 -4.45
CA TYR C 64 2.92 8.62 -5.07
C TYR C 64 4.05 8.63 -6.09
N ALA C 65 5.01 7.73 -5.99
CA ALA C 65 6.14 7.76 -6.90
C ALA C 65 6.75 6.38 -7.06
N MET C 66 7.58 6.27 -8.09
CA MET C 66 8.33 5.06 -8.40
C MET C 66 9.60 5.43 -9.14
N HIS C 67 10.51 4.47 -9.22
CA HIS C 67 11.65 4.57 -10.12
C HIS C 67 12.17 3.17 -10.40
N TRP C 68 12.62 2.96 -11.63
CA TRP C 68 13.18 1.68 -12.06
C TRP C 68 14.68 1.64 -11.81
N GLY C 69 15.20 0.43 -11.62
CA GLY C 69 16.62 0.24 -11.60
C GLY C 69 17.22 0.23 -12.99
N THR C 70 18.52 0.50 -13.05
CA THR C 70 19.24 0.37 -14.31
C THR C 70 19.51 -1.07 -14.69
N ASP C 71 19.30 -2.02 -13.77
CA ASP C 71 19.31 -3.43 -14.10
C ASP C 71 17.97 -3.91 -14.65
N SER C 72 16.98 -3.03 -14.72
CA SER C 72 15.65 -3.27 -15.28
C SER C 72 14.89 -4.36 -14.54
N ARG C 73 15.27 -4.63 -13.31
CA ARG C 73 14.64 -5.65 -12.48
C ARG C 73 14.23 -5.11 -11.11
N LEU C 74 15.04 -4.26 -10.51
CA LEU C 74 14.77 -3.73 -9.19
C LEU C 74 13.96 -2.44 -9.28
N LEU C 75 12.98 -2.32 -8.40
CA LEU C 75 12.11 -1.15 -8.33
C LEU C 75 12.25 -0.48 -6.97
N VAL C 76 11.76 0.75 -6.89
CA VAL C 76 11.53 1.42 -5.62
C VAL C 76 10.20 2.17 -5.75
N SER C 77 9.40 2.15 -4.69
CA SER C 77 8.12 2.82 -4.69
C SER C 77 7.92 3.55 -3.37
N ALA C 78 7.23 4.68 -3.46
CA ALA C 78 6.93 5.51 -2.30
C ALA C 78 5.42 5.64 -2.15
N SER C 79 4.94 5.47 -0.92
CA SER C 79 3.53 5.67 -0.61
C SER C 79 3.43 6.40 0.72
N GLN C 80 2.24 6.93 1.00
CA GLN C 80 2.00 7.69 2.23
C GLN C 80 1.99 6.83 3.50
N ASP C 81 2.30 5.54 3.41
CA ASP C 81 2.57 4.73 4.59
C ASP C 81 3.80 5.18 5.35
N GLY C 82 4.71 5.89 4.68
CA GLY C 82 6.02 6.11 5.23
C GLY C 82 6.97 4.97 4.96
N LYS C 83 6.73 4.22 3.89
CA LYS C 83 7.53 3.05 3.54
C LYS C 83 8.05 3.18 2.11
N LEU C 84 9.35 3.03 1.95
CA LEU C 84 9.98 2.85 0.64
C LEU C 84 10.23 1.37 0.47
N ILE C 85 9.44 0.71 -0.38
CA ILE C 85 9.60 -0.71 -0.64
C ILE C 85 10.40 -0.87 -1.92
N ILE C 86 11.45 -1.68 -1.86
CA ILE C 86 12.25 -2.04 -3.01
C ILE C 86 11.79 -3.41 -3.48
N TRP C 87 11.37 -3.50 -4.74
CA TRP C 87 10.73 -4.69 -5.28
C TRP C 87 11.65 -5.41 -6.23
N ASP C 88 11.66 -6.73 -6.14
CA ASP C 88 12.19 -7.59 -7.20
C ASP C 88 11.02 -7.87 -8.13
N SER C 89 10.97 -7.14 -9.25
CA SER C 89 9.82 -7.19 -10.14
C SER C 89 9.71 -8.52 -10.88
N TYR C 90 10.80 -9.27 -11.00
CA TYR C 90 10.76 -10.55 -11.70
C TYR C 90 10.00 -11.58 -10.88
N THR C 91 10.19 -11.58 -9.56
CA THR C 91 9.64 -12.60 -8.67
C THR C 91 8.57 -12.07 -7.73
N THR C 92 8.25 -10.78 -7.80
CA THR C 92 7.34 -10.09 -6.88
C THR C 92 7.81 -10.32 -5.43
N ASN C 93 9.03 -9.88 -5.18
CA ASN C 93 9.69 -10.04 -3.89
C ASN C 93 10.12 -8.69 -3.37
N LYS C 94 9.90 -8.44 -2.08
CA LYS C 94 10.30 -7.19 -1.45
C LYS C 94 11.74 -7.34 -0.98
N VAL C 95 12.65 -6.68 -1.68
CA VAL C 95 14.07 -6.72 -1.30
C VAL C 95 14.29 -5.92 -0.02
N HIS C 96 13.72 -4.72 0.05
CA HIS C 96 13.86 -3.85 1.21
C HIS C 96 12.53 -3.16 1.50
N ALA C 97 12.34 -2.80 2.77
CA ALA C 97 11.26 -1.91 3.19
C ALA C 97 11.88 -0.86 4.09
N ILE C 98 11.88 0.39 3.64
CA ILE C 98 12.58 1.47 4.30
C ILE C 98 11.55 2.33 5.03
N PRO C 99 11.51 2.32 6.36
CA PRO C 99 10.62 3.24 7.07
C PRO C 99 11.15 4.67 6.99
N LEU C 100 10.26 5.60 6.67
CA LEU C 100 10.64 6.99 6.47
C LEU C 100 10.31 7.81 7.72
N ARG C 101 11.14 8.82 7.98
CA ARG C 101 10.89 9.72 9.09
C ARG C 101 9.63 10.55 8.84
N SER C 102 9.42 10.98 7.60
CA SER C 102 8.23 11.70 7.20
C SER C 102 7.44 10.81 6.24
N SER C 103 6.17 10.58 6.56
CA SER C 103 5.34 9.71 5.74
C SER C 103 4.74 10.42 4.54
N TRP C 104 4.92 11.73 4.42
CA TRP C 104 4.32 12.51 3.34
C TRP C 104 5.27 12.61 2.15
N VAL C 105 5.67 11.43 1.67
CA VAL C 105 6.62 11.35 0.58
C VAL C 105 5.89 11.47 -0.75
N MET C 106 6.43 12.28 -1.65
CA MET C 106 5.83 12.47 -2.97
C MET C 106 6.79 12.18 -4.12
N THR C 107 8.03 11.81 -3.83
CA THR C 107 8.98 11.45 -4.87
C THR C 107 9.93 10.39 -4.35
N CYS C 108 10.48 9.61 -5.28
CA CYS C 108 11.54 8.68 -4.94
C CYS C 108 12.39 8.43 -6.18
N ALA C 109 13.68 8.21 -5.95
CA ALA C 109 14.62 7.94 -7.01
C ALA C 109 15.51 6.78 -6.60
N TYR C 110 16.05 6.09 -7.60
CA TYR C 110 16.92 4.95 -7.40
C TYR C 110 18.22 5.26 -8.12
N ALA C 111 19.34 5.07 -7.45
CA ALA C 111 20.63 5.44 -8.02
C ALA C 111 20.98 4.55 -9.22
N PRO C 112 21.64 5.11 -10.24
CA PRO C 112 22.05 4.30 -11.39
C PRO C 112 23.01 3.18 -11.04
N SER C 113 23.88 3.39 -10.04
CA SER C 113 24.71 2.30 -9.55
C SER C 113 23.92 1.29 -8.72
N GLY C 114 22.73 1.65 -8.29
CA GLY C 114 21.92 0.80 -7.44
C GLY C 114 22.26 0.87 -5.98
N ASN C 115 23.22 1.72 -5.59
CA ASN C 115 23.70 1.79 -4.22
C ASN C 115 22.81 2.61 -3.31
N TYR C 116 22.03 3.55 -3.87
CA TYR C 116 21.32 4.52 -3.05
C TYR C 116 19.88 4.67 -3.52
N VAL C 117 19.04 5.12 -2.61
CA VAL C 117 17.65 5.49 -2.89
C VAL C 117 17.39 6.84 -2.23
N ALA C 118 16.85 7.79 -2.99
CA ALA C 118 16.41 9.06 -2.46
C ALA C 118 14.89 9.11 -2.39
N CYS C 119 14.38 9.95 -1.50
CA CYS C 119 12.96 10.25 -1.46
C CYS C 119 12.78 11.63 -0.82
N GLY C 120 11.59 12.19 -1.01
CA GLY C 120 11.29 13.49 -0.45
C GLY C 120 9.82 13.78 -0.56
N GLY C 121 9.41 14.88 0.08
CA GLY C 121 8.01 15.23 0.10
C GLY C 121 7.71 16.52 0.84
N LEU C 122 6.69 16.48 1.70
CA LEU C 122 6.25 17.66 2.43
C LEU C 122 7.21 18.09 3.53
N ASP C 123 8.22 17.27 3.86
CA ASP C 123 9.22 17.65 4.84
C ASP C 123 10.31 18.52 4.25
N ASN C 124 10.25 18.81 2.95
CA ASN C 124 11.19 19.66 2.21
C ASN C 124 12.61 19.10 2.21
N ILE C 125 12.77 17.80 2.41
CA ILE C 125 14.07 17.18 2.61
C ILE C 125 14.21 15.99 1.67
N CYS C 126 15.31 15.93 0.93
CA CYS C 126 15.67 14.75 0.16
C CYS C 126 16.56 13.87 1.03
N SER C 127 16.05 12.70 1.40
CA SER C 127 16.77 11.76 2.26
C SER C 127 17.41 10.69 1.40
N ILE C 128 18.74 10.58 1.48
CA ILE C 128 19.48 9.56 0.75
C ILE C 128 19.63 8.34 1.65
N TYR C 129 19.33 7.16 1.11
CA TYR C 129 19.37 5.92 1.85
C TYR C 129 20.44 5.02 1.25
N ASN C 130 21.37 4.56 2.09
CA ASN C 130 22.42 3.65 1.64
C ASN C 130 21.86 2.23 1.67
N LEU C 131 21.67 1.65 0.48
CA LEU C 131 21.11 0.31 0.40
C LEU C 131 22.12 -0.75 0.80
N LYS C 132 23.35 -0.63 0.31
CA LYS C 132 24.36 -1.67 0.48
C LYS C 132 25.32 -1.23 1.60
N THR C 133 24.89 -1.48 2.83
CA THR C 133 25.67 -1.17 4.01
C THR C 133 26.34 -2.42 4.56
N ARG C 134 27.39 -2.21 5.35
CA ARG C 134 28.07 -3.31 6.00
C ARG C 134 27.20 -3.94 7.09
N GLU C 135 26.34 -3.13 7.72
CA GLU C 135 25.46 -3.62 8.77
C GLU C 135 24.29 -4.45 8.26
N GLY C 136 24.04 -4.44 6.94
CA GLY C 136 22.98 -5.23 6.37
C GLY C 136 21.61 -4.61 6.40
N ASN C 137 21.47 -3.39 6.88
CA ASN C 137 20.21 -2.66 6.87
C ASN C 137 20.33 -1.44 5.97
N VAL C 138 19.19 -0.86 5.64
CA VAL C 138 19.14 0.37 4.85
C VAL C 138 19.03 1.53 5.83
N ARG C 139 20.08 2.34 5.91
CA ARG C 139 20.13 3.49 6.80
C ARG C 139 20.20 4.77 5.97
N VAL C 140 19.86 5.88 6.62
CA VAL C 140 19.91 7.17 5.96
C VAL C 140 21.36 7.56 5.74
N SER C 141 21.74 7.78 4.48
CA SER C 141 23.07 8.26 4.18
C SER C 141 23.20 9.69 4.68
N ARG C 142 22.34 10.58 4.19
CA ARG C 142 22.17 11.90 4.78
C ARG C 142 20.83 12.47 4.35
N GLU C 143 20.43 13.55 5.03
CA GLU C 143 19.23 14.28 4.71
C GLU C 143 19.61 15.62 4.11
N LEU C 144 19.16 15.88 2.88
CA LEU C 144 19.48 17.12 2.18
C LEU C 144 18.42 18.15 2.49
N ALA C 145 18.80 19.21 3.20
CA ALA C 145 17.89 20.26 3.59
C ALA C 145 18.32 21.59 2.98
N GLY C 146 17.36 22.47 2.76
CA GLY C 146 17.63 23.74 2.12
C GLY C 146 16.49 24.22 1.25
N HIS C 147 15.61 23.32 0.85
CA HIS C 147 14.40 23.69 0.13
C HIS C 147 13.37 24.24 1.10
N THR C 148 12.74 25.36 0.71
CA THR C 148 11.69 25.97 1.51
C THR C 148 10.29 25.54 1.09
N GLY C 149 10.18 24.70 0.08
CA GLY C 149 8.90 24.15 -0.33
C GLY C 149 8.97 22.64 -0.40
N TYR C 150 7.81 22.02 -0.64
CA TYR C 150 7.72 20.57 -0.74
C TYR C 150 8.56 20.08 -1.90
N LEU C 151 9.29 19.00 -1.68
CA LEU C 151 10.23 18.50 -2.67
C LEU C 151 9.49 17.50 -3.54
N SER C 152 9.28 17.86 -4.81
CA SER C 152 8.35 17.16 -5.69
C SER C 152 9.00 16.10 -6.56
N CYS C 153 10.30 16.23 -6.87
CA CYS C 153 10.99 15.23 -7.67
C CYS C 153 12.48 15.27 -7.34
N CYS C 154 13.11 14.11 -7.44
CA CYS C 154 14.55 14.00 -7.27
C CYS C 154 15.09 13.00 -8.29
N ARG C 155 16.29 13.23 -8.78
CA ARG C 155 16.90 12.38 -9.79
C ARG C 155 18.40 12.30 -9.54
N PHE C 156 18.92 11.08 -9.45
CA PHE C 156 20.34 10.86 -9.24
C PHE C 156 21.11 11.06 -10.54
N LEU C 157 22.20 11.84 -10.47
CA LEU C 157 23.15 11.87 -11.57
C LEU C 157 24.18 10.75 -11.41
N ASP C 158 24.75 10.65 -10.22
CA ASP C 158 25.65 9.56 -9.86
C ASP C 158 25.47 9.32 -8.36
N ASP C 159 26.44 8.64 -7.74
CA ASP C 159 26.35 8.36 -6.31
C ASP C 159 26.54 9.62 -5.46
N ASN C 160 27.08 10.70 -6.03
CA ASN C 160 27.37 11.91 -5.28
C ASN C 160 26.61 13.14 -5.76
N GLN C 161 26.01 13.11 -6.94
CA GLN C 161 25.28 14.24 -7.49
C GLN C 161 23.81 13.88 -7.59
N ILE C 162 22.94 14.81 -7.22
CA ILE C 162 21.49 14.62 -7.33
C ILE C 162 20.83 15.97 -7.57
N VAL C 163 19.90 16.01 -8.52
CA VAL C 163 19.08 17.18 -8.77
C VAL C 163 17.71 16.94 -8.16
N THR C 164 17.25 17.88 -7.34
CA THR C 164 15.96 17.77 -6.66
C THR C 164 15.05 18.90 -7.12
N SER C 165 13.91 18.54 -7.68
CA SER C 165 12.82 19.48 -7.89
C SER C 165 12.10 19.75 -6.59
N SER C 166 11.49 20.93 -6.49
CA SER C 166 10.79 21.29 -5.27
C SER C 166 9.69 22.30 -5.56
N GLY C 167 8.80 22.44 -4.60
CA GLY C 167 7.67 23.35 -4.62
C GLY C 167 7.97 24.75 -4.14
N ASP C 168 9.25 25.13 -4.01
CA ASP C 168 9.62 26.51 -3.74
C ASP C 168 10.01 27.25 -5.02
N THR C 169 9.45 26.84 -6.16
CA THR C 169 9.75 27.39 -7.49
C THR C 169 11.26 27.36 -7.78
N THR C 170 11.91 26.26 -7.42
CA THR C 170 13.36 26.17 -7.48
C THR C 170 13.79 24.72 -7.63
N CYS C 171 14.63 24.46 -8.62
CA CYS C 171 15.37 23.20 -8.73
C CYS C 171 16.75 23.37 -8.12
N ALA C 172 17.30 22.28 -7.61
CA ALA C 172 18.54 22.35 -6.85
C ALA C 172 19.40 21.12 -7.13
N LEU C 173 20.70 21.35 -7.31
CA LEU C 173 21.68 20.28 -7.48
C LEU C 173 22.51 20.17 -6.21
N TRP C 174 22.63 18.95 -5.69
CA TRP C 174 23.24 18.72 -4.38
C TRP C 174 24.53 17.92 -4.51
N ASP C 175 25.40 18.09 -3.52
CA ASP C 175 26.59 17.26 -3.33
C ASP C 175 26.33 16.37 -2.12
N ILE C 176 26.20 15.07 -2.34
CA ILE C 176 25.84 14.17 -1.25
C ILE C 176 27.03 13.92 -0.33
N GLU C 177 28.26 14.16 -0.80
CA GLU C 177 29.42 14.02 0.08
C GLU C 177 29.41 15.08 1.17
N THR C 178 29.03 16.31 0.84
CA THR C 178 29.02 17.40 1.80
C THR C 178 27.63 17.77 2.29
N GLY C 179 26.57 17.39 1.56
CA GLY C 179 25.23 17.77 1.94
C GLY C 179 24.88 19.21 1.65
N GLN C 180 25.68 19.89 0.84
CA GLN C 180 25.53 21.33 0.63
C GLN C 180 24.85 21.62 -0.70
N GLN C 181 24.27 22.81 -0.79
CA GLN C 181 23.59 23.28 -2.00
C GLN C 181 24.63 23.68 -3.02
N THR C 182 24.94 22.76 -3.93
CA THR C 182 25.96 23.02 -4.94
C THR C 182 25.48 24.04 -5.97
N THR C 183 24.32 23.79 -6.58
CA THR C 183 23.80 24.63 -7.65
C THR C 183 22.31 24.84 -7.45
N THR C 184 21.87 26.09 -7.56
CA THR C 184 20.46 26.46 -7.43
C THR C 184 19.94 26.91 -8.79
N PHE C 185 18.86 26.28 -9.25
CA PHE C 185 18.24 26.62 -10.53
C PHE C 185 16.97 27.41 -10.24
N THR C 186 16.95 28.66 -10.66
CA THR C 186 15.83 29.56 -10.40
C THR C 186 15.35 30.18 -11.71
N GLY C 187 14.07 30.56 -11.72
CA GLY C 187 13.47 31.15 -12.90
C GLY C 187 12.03 30.75 -13.08
N HIS C 188 11.63 29.63 -12.48
CA HIS C 188 10.25 29.20 -12.54
C HIS C 188 9.37 30.08 -11.66
N THR C 189 8.16 30.36 -12.15
CA THR C 189 7.21 31.18 -11.41
C THR C 189 6.34 30.35 -10.48
N GLY C 190 5.81 29.23 -10.96
CA GLY C 190 5.04 28.31 -10.15
C GLY C 190 5.92 27.22 -9.54
N ASP C 191 5.28 26.38 -8.73
CA ASP C 191 6.00 25.32 -8.05
C ASP C 191 6.41 24.25 -9.05
N VAL C 192 7.67 23.82 -8.96
CA VAL C 192 8.21 22.86 -9.93
C VAL C 192 7.76 21.46 -9.52
N MET C 193 7.00 20.80 -10.39
CA MET C 193 6.34 19.55 -10.03
C MET C 193 7.01 18.31 -10.60
N SER C 194 7.81 18.44 -11.66
CA SER C 194 8.41 17.29 -12.31
C SER C 194 9.85 17.59 -12.67
N LEU C 195 10.55 16.54 -13.10
CA LEU C 195 11.98 16.62 -13.33
C LEU C 195 12.39 15.44 -14.20
N SER C 196 13.33 15.68 -15.10
CA SER C 196 13.80 14.63 -16.00
C SER C 196 15.22 14.93 -16.42
N LEU C 197 16.11 13.94 -16.27
CA LEU C 197 17.50 14.08 -16.64
C LEU C 197 17.74 13.59 -18.06
N ALA C 198 18.66 14.27 -18.75
CA ALA C 198 19.09 13.83 -20.07
C ALA C 198 19.89 12.54 -19.95
N PRO C 199 19.93 11.73 -21.02
CA PRO C 199 20.73 10.49 -20.98
C PRO C 199 22.20 10.69 -20.70
N ASP C 200 22.80 11.78 -21.17
CA ASP C 200 24.19 12.08 -20.86
C ASP C 200 24.36 12.84 -19.55
N THR C 201 23.25 13.19 -18.89
CA THR C 201 23.21 13.98 -17.63
C THR C 201 23.96 15.30 -17.76
N ARG C 202 23.93 15.89 -18.95
CA ARG C 202 24.49 17.21 -19.19
C ARG C 202 23.46 18.30 -18.99
N LEU C 203 22.22 18.05 -19.40
CA LEU C 203 21.09 18.96 -19.23
C LEU C 203 19.98 18.25 -18.49
N PHE C 204 18.97 19.02 -18.08
CA PHE C 204 17.75 18.45 -17.55
C PHE C 204 16.61 19.44 -17.74
N VAL C 205 15.39 18.92 -17.82
CA VAL C 205 14.19 19.73 -17.98
C VAL C 205 13.35 19.62 -16.72
N SER C 206 12.59 20.67 -16.46
CA SER C 206 11.71 20.72 -15.30
C SER C 206 10.38 21.34 -15.70
N GLY C 207 9.28 20.70 -15.30
CA GLY C 207 7.95 21.23 -15.52
C GLY C 207 7.38 21.75 -14.22
N ALA C 208 6.79 22.95 -14.28
CA ALA C 208 6.33 23.64 -13.09
C ALA C 208 4.86 24.01 -13.25
N CYS C 209 4.34 24.73 -12.25
CA CYS C 209 2.94 25.15 -12.21
C CYS C 209 2.69 26.48 -12.92
N ASP C 210 3.70 27.07 -13.55
CA ASP C 210 3.51 28.25 -14.37
C ASP C 210 3.20 27.90 -15.83
N ALA C 211 2.75 26.66 -16.08
CA ALA C 211 2.46 26.14 -17.42
C ALA C 211 3.66 26.28 -18.35
N SER C 212 4.86 26.03 -17.81
CA SER C 212 6.09 26.24 -18.53
C SER C 212 7.07 25.12 -18.23
N ALA C 213 7.94 24.83 -19.18
CA ALA C 213 9.03 23.90 -19.02
C ALA C 213 10.34 24.59 -19.34
N LYS C 214 11.35 24.37 -18.52
CA LYS C 214 12.64 25.04 -18.67
C LYS C 214 13.74 24.00 -18.80
N LEU C 215 14.66 24.25 -19.73
CA LEU C 215 15.83 23.41 -19.94
C LEU C 215 17.02 24.04 -19.25
N TRP C 216 17.57 23.34 -18.26
CA TRP C 216 18.70 23.82 -17.49
C TRP C 216 19.96 23.07 -17.88
N ASP C 217 21.11 23.70 -17.61
CA ASP C 217 22.40 23.05 -17.75
C ASP C 217 22.97 22.83 -16.35
N VAL C 218 23.43 21.61 -16.08
CA VAL C 218 23.89 21.25 -14.74
C VAL C 218 25.16 22.01 -14.38
N ARG C 219 26.11 22.07 -15.32
CA ARG C 219 27.44 22.58 -15.01
C ARG C 219 27.53 24.10 -15.07
N GLU C 220 26.53 24.79 -15.61
CA GLU C 220 26.47 26.25 -15.56
C GLU C 220 25.38 26.78 -14.65
N GLY C 221 24.35 25.98 -14.37
CA GLY C 221 23.32 26.34 -13.42
C GLY C 221 22.43 27.50 -13.82
N MET C 222 22.07 27.60 -15.09
CA MET C 222 21.21 28.66 -15.55
C MET C 222 20.44 28.18 -16.77
N CYS C 223 19.22 28.71 -16.93
CA CYS C 223 18.25 28.18 -17.88
C CYS C 223 18.68 28.48 -19.31
N ARG C 224 18.69 27.44 -20.15
CA ARG C 224 18.99 27.63 -21.57
C ARG C 224 17.75 28.07 -22.33
N GLN C 225 16.71 27.24 -22.34
CA GLN C 225 15.49 27.51 -23.10
C GLN C 225 14.28 27.34 -22.20
N THR C 226 13.22 28.08 -22.51
CA THR C 226 11.94 27.99 -21.82
C THR C 226 10.88 27.56 -22.83
N PHE C 227 10.11 26.54 -22.47
CA PHE C 227 9.11 25.96 -23.35
C PHE C 227 7.73 26.20 -22.78
N THR C 228 6.86 26.82 -23.57
CA THR C 228 5.50 27.14 -23.17
C THR C 228 4.52 26.48 -24.14
N GLY C 229 3.24 26.57 -23.79
CA GLY C 229 2.20 25.99 -24.62
C GLY C 229 1.10 25.33 -23.83
N HIS C 230 1.43 24.87 -22.62
CA HIS C 230 0.44 24.26 -21.75
C HIS C 230 -0.51 25.31 -21.17
N GLU C 231 -1.71 24.87 -20.80
CA GLU C 231 -2.71 25.75 -20.24
C GLU C 231 -2.93 25.53 -18.75
N SER C 232 -2.22 24.59 -18.13
CA SER C 232 -2.42 24.29 -16.72
C SER C 232 -1.09 23.83 -16.13
N ASP C 233 -1.16 23.25 -14.93
CA ASP C 233 0.02 22.90 -14.16
C ASP C 233 0.67 21.66 -14.73
N ILE C 234 1.93 21.77 -15.14
CA ILE C 234 2.67 20.61 -15.65
C ILE C 234 3.05 19.71 -14.48
N ASN C 235 2.64 18.45 -14.52
CA ASN C 235 2.92 17.50 -13.47
C ASN C 235 3.90 16.42 -13.85
N ALA C 236 4.23 16.29 -15.14
CA ALA C 236 5.07 15.21 -15.61
C ALA C 236 5.94 15.71 -16.75
N ILE C 237 7.16 15.15 -16.85
CA ILE C 237 8.09 15.51 -17.90
C ILE C 237 9.07 14.35 -18.08
N CYS C 238 9.53 14.15 -19.32
CA CYS C 238 10.40 13.03 -19.64
C CYS C 238 11.08 13.29 -20.98
N PHE C 239 12.40 13.09 -21.03
CA PHE C 239 13.14 13.22 -22.28
C PHE C 239 12.80 12.11 -23.28
N PHE C 240 12.90 12.46 -24.55
CA PHE C 240 12.99 11.46 -25.60
C PHE C 240 14.32 10.73 -25.45
N PRO C 241 14.39 9.45 -25.84
CA PRO C 241 15.59 8.64 -25.52
C PRO C 241 16.90 9.15 -26.12
N ASN C 242 16.89 9.95 -27.18
CA ASN C 242 18.17 10.49 -27.67
C ASN C 242 18.59 11.75 -26.93
N GLY C 243 17.73 12.31 -26.10
CA GLY C 243 18.03 13.51 -25.36
C GLY C 243 17.86 14.81 -26.11
N ASN C 244 17.34 14.77 -27.34
CA ASN C 244 17.13 15.97 -28.15
C ASN C 244 15.69 16.44 -28.12
N ALA C 245 14.82 15.78 -27.36
CA ALA C 245 13.42 16.16 -27.26
C ALA C 245 12.88 15.68 -25.93
N PHE C 246 11.72 16.20 -25.55
CA PHE C 246 11.06 15.78 -24.33
C PHE C 246 9.55 15.98 -24.46
N ALA C 247 8.81 15.28 -23.60
CA ALA C 247 7.36 15.38 -23.56
C ALA C 247 6.91 15.74 -22.15
N THR C 248 5.84 16.53 -22.08
CA THR C 248 5.28 17.00 -20.82
C THR C 248 3.86 16.48 -20.66
N GLY C 249 3.37 16.52 -19.43
CA GLY C 249 2.00 16.18 -19.12
C GLY C 249 1.44 17.11 -18.06
N SER C 250 0.25 17.65 -18.28
CA SER C 250 -0.28 18.68 -17.38
C SER C 250 -1.74 18.38 -17.08
N ASP C 251 -2.42 19.34 -16.46
CA ASP C 251 -3.78 19.19 -15.97
C ASP C 251 -4.83 19.51 -17.02
N ASP C 252 -4.44 19.95 -18.22
CA ASP C 252 -5.39 20.25 -19.28
C ASP C 252 -5.62 19.06 -20.21
N ALA C 253 -5.25 17.85 -19.77
CA ALA C 253 -5.45 16.60 -20.50
C ALA C 253 -4.73 16.58 -21.85
N THR C 254 -3.64 17.33 -21.97
CA THR C 254 -2.84 17.34 -23.18
C THR C 254 -1.39 17.01 -22.85
N CYS C 255 -0.80 16.13 -23.64
CA CYS C 255 0.64 15.92 -23.63
C CYS C 255 1.25 16.63 -24.83
N ARG C 256 2.26 17.45 -24.58
CA ARG C 256 2.96 18.17 -25.64
C ARG C 256 4.37 17.63 -25.79
N LEU C 257 4.83 17.52 -27.03
CA LEU C 257 6.20 17.12 -27.33
C LEU C 257 6.99 18.34 -27.76
N PHE C 258 8.13 18.57 -27.10
CA PHE C 258 8.99 19.71 -27.38
C PHE C 258 10.34 19.21 -27.86
N ASP C 259 10.96 19.98 -28.75
CA ASP C 259 12.30 19.70 -29.24
C ASP C 259 13.27 20.73 -28.70
N LEU C 260 14.47 20.28 -28.33
CA LEU C 260 15.47 21.20 -27.80
C LEU C 260 16.09 22.05 -28.91
N ARG C 261 16.39 21.45 -30.06
CA ARG C 261 17.03 22.21 -31.13
C ARG C 261 16.06 23.14 -31.82
N ALA C 262 14.84 22.68 -32.10
CA ALA C 262 13.85 23.54 -32.75
C ALA C 262 13.28 24.58 -31.80
N ASP C 263 13.27 24.26 -30.49
CA ASP C 263 12.78 25.13 -29.41
C ASP C 263 11.32 25.47 -29.71
N GLN C 264 10.53 24.42 -29.94
CA GLN C 264 9.12 24.54 -30.31
C GLN C 264 8.36 23.37 -29.76
N GLU C 265 7.03 23.51 -29.71
CA GLU C 265 6.15 22.38 -29.49
C GLU C 265 5.83 21.73 -30.84
N LEU C 266 6.01 20.42 -30.92
CA LEU C 266 5.82 19.70 -32.17
C LEU C 266 4.42 19.07 -32.29
N MET C 267 3.95 18.41 -31.24
CA MET C 267 2.70 17.68 -31.36
C MET C 267 2.00 17.58 -30.01
N THR C 268 0.69 17.77 -30.02
CA THR C 268 -0.16 17.64 -28.84
C THR C 268 -0.82 16.27 -28.84
N TYR C 269 -0.70 15.56 -27.72
CA TYR C 269 -1.31 14.24 -27.55
C TYR C 269 -2.53 14.41 -26.66
N SER C 270 -3.67 14.72 -27.28
CA SER C 270 -4.90 14.98 -26.55
C SER C 270 -6.06 14.30 -27.27
N HIS C 271 -7.10 14.00 -26.50
CA HIS C 271 -8.33 13.43 -27.03
C HIS C 271 -9.52 14.15 -26.41
N ASP C 272 -10.64 14.13 -27.14
CA ASP C 272 -11.85 14.77 -26.65
C ASP C 272 -12.44 14.02 -25.46
N ASN C 273 -12.31 12.70 -25.42
CA ASN C 273 -12.85 11.90 -24.34
C ASN C 273 -11.98 11.93 -23.08
N ILE C 274 -10.81 12.55 -23.14
CA ILE C 274 -9.93 12.69 -21.99
C ILE C 274 -9.97 14.13 -21.53
N ILE C 275 -10.47 14.34 -20.30
CA ILE C 275 -10.57 15.67 -19.73
C ILE C 275 -9.80 15.80 -18.42
N CYS C 276 -9.35 14.71 -17.83
CA CYS C 276 -8.66 14.74 -16.54
C CYS C 276 -7.18 14.99 -16.72
N GLY C 277 -6.52 15.37 -15.63
CA GLY C 277 -5.13 15.73 -15.68
C GLY C 277 -4.22 14.53 -15.87
N ILE C 278 -2.94 14.84 -16.10
CA ILE C 278 -1.91 13.84 -16.36
C ILE C 278 -0.90 13.88 -15.23
N THR C 279 -0.71 12.75 -14.57
CA THR C 279 0.21 12.66 -13.45
C THR C 279 1.62 12.25 -13.86
N SER C 280 1.73 11.27 -14.75
CA SER C 280 3.03 10.71 -15.11
C SER C 280 3.14 10.60 -16.63
N VAL C 281 4.35 10.80 -17.13
CA VAL C 281 4.67 10.70 -18.55
C VAL C 281 5.98 9.95 -18.69
N SER C 282 5.98 8.90 -19.52
CA SER C 282 7.20 8.14 -19.77
C SER C 282 7.24 7.71 -21.23
N PHE C 283 8.46 7.50 -21.72
CA PHE C 283 8.70 7.10 -23.10
C PHE C 283 9.13 5.64 -23.15
N SER C 284 8.90 5.02 -24.31
CA SER C 284 9.41 3.69 -24.56
C SER C 284 10.90 3.75 -24.88
N LYS C 285 11.49 2.59 -25.19
CA LYS C 285 12.93 2.55 -25.46
C LYS C 285 13.28 3.26 -26.76
N SER C 286 12.49 3.05 -27.81
CA SER C 286 12.71 3.74 -29.07
C SER C 286 12.10 5.13 -29.09
N GLY C 287 11.22 5.45 -28.14
CA GLY C 287 10.50 6.70 -28.17
C GLY C 287 9.28 6.72 -29.06
N ARG C 288 8.96 5.61 -29.72
CA ARG C 288 7.79 5.59 -30.60
C ARG C 288 6.50 5.63 -29.81
N LEU C 289 6.47 5.00 -28.65
CA LEU C 289 5.30 5.00 -27.78
C LEU C 289 5.51 5.95 -26.62
N LEU C 290 4.54 6.82 -26.38
CA LEU C 290 4.52 7.69 -25.21
C LEU C 290 3.44 7.21 -24.27
N LEU C 291 3.84 6.86 -23.05
CA LEU C 291 2.92 6.37 -22.03
C LEU C 291 2.64 7.47 -21.03
N ALA C 292 1.36 7.76 -20.81
CA ALA C 292 0.94 8.83 -19.92
C ALA C 292 -0.10 8.30 -18.94
N GLY C 293 0.11 8.57 -17.65
CA GLY C 293 -0.83 8.19 -16.62
C GLY C 293 -1.75 9.35 -16.29
N TYR C 294 -3.04 9.08 -16.26
CA TYR C 294 -4.07 10.10 -16.13
C TYR C 294 -4.82 9.94 -14.81
N ASP C 295 -5.73 10.86 -14.55
CA ASP C 295 -6.55 10.82 -13.35
C ASP C 295 -7.81 9.98 -13.49
N ASP C 296 -8.16 9.54 -14.71
CA ASP C 296 -9.32 8.69 -14.91
C ASP C 296 -8.98 7.21 -14.78
N PHE C 297 -7.95 6.90 -13.98
CA PHE C 297 -7.59 5.61 -13.40
C PHE C 297 -6.87 4.68 -14.36
N ASN C 298 -6.43 5.16 -15.53
CA ASN C 298 -5.76 4.27 -16.47
C ASN C 298 -4.68 5.03 -17.23
N CYS C 299 -3.75 4.27 -17.79
CA CYS C 299 -2.66 4.79 -18.59
C CYS C 299 -2.98 4.63 -20.07
N ASN C 300 -2.78 5.69 -20.84
CA ASN C 300 -3.04 5.67 -22.28
C ASN C 300 -1.71 5.69 -23.02
N VAL C 301 -1.49 4.67 -23.85
CA VAL C 301 -0.31 4.63 -24.70
C VAL C 301 -0.56 5.48 -25.94
N TRP C 302 0.34 6.42 -26.21
CA TRP C 302 0.20 7.33 -27.32
C TRP C 302 1.26 7.04 -28.36
N ASP C 303 0.86 7.07 -29.63
CA ASP C 303 1.82 7.11 -30.73
C ASP C 303 2.52 8.47 -30.65
N ALA C 304 3.76 8.47 -30.17
CA ALA C 304 4.48 9.72 -29.94
C ALA C 304 4.81 10.44 -31.24
N LEU C 305 4.77 9.75 -32.37
CA LEU C 305 5.01 10.36 -33.67
C LEU C 305 3.72 10.75 -34.40
N LYS C 306 2.58 10.18 -34.03
CA LYS C 306 1.34 10.39 -34.78
C LYS C 306 0.17 10.90 -33.95
N ALA C 307 0.33 11.06 -32.63
CA ALA C 307 -0.73 11.48 -31.70
C ALA C 307 -1.96 10.58 -31.81
N ASP C 308 -1.74 9.27 -31.88
CA ASP C 308 -2.81 8.29 -31.90
C ASP C 308 -2.76 7.46 -30.62
N ARG C 309 -3.93 7.19 -30.06
CA ARG C 309 -4.02 6.36 -28.86
C ARG C 309 -3.68 4.92 -29.24
N ALA C 310 -2.43 4.53 -28.98
CA ALA C 310 -1.98 3.20 -29.37
C ALA C 310 -2.56 2.11 -28.46
N GLY C 311 -2.90 2.46 -27.23
CA GLY C 311 -3.46 1.49 -26.32
C GLY C 311 -3.82 2.14 -25.00
N VAL C 312 -4.59 1.39 -24.21
CA VAL C 312 -5.04 1.84 -22.89
C VAL C 312 -4.63 0.79 -21.87
N LEU C 313 -3.97 1.22 -20.80
CA LEU C 313 -3.54 0.34 -19.72
C LEU C 313 -4.52 0.52 -18.57
N ALA C 314 -5.63 -0.20 -18.62
CA ALA C 314 -6.66 -0.12 -17.61
C ALA C 314 -6.53 -1.29 -16.63
N GLY C 315 -6.95 -1.05 -15.39
CA GLY C 315 -6.80 -2.05 -14.36
C GLY C 315 -6.50 -1.50 -12.98
N HIS C 316 -6.37 -0.19 -12.87
CA HIS C 316 -6.17 0.47 -11.59
C HIS C 316 -7.49 1.06 -11.11
N ASP C 317 -7.80 0.84 -9.83
CA ASP C 317 -9.05 1.32 -9.27
C ASP C 317 -8.99 2.79 -8.84
N ASN C 318 -7.80 3.37 -8.77
CA ASN C 318 -7.66 4.77 -8.41
C ASN C 318 -6.70 5.43 -9.40
N ARG C 319 -6.37 6.69 -9.12
CA ARG C 319 -5.62 7.51 -10.07
C ARG C 319 -4.19 7.00 -10.23
N VAL C 320 -3.79 6.78 -11.48
CA VAL C 320 -2.42 6.36 -11.79
C VAL C 320 -1.49 7.55 -11.53
N SER C 321 -0.66 7.44 -10.50
CA SER C 321 0.16 8.56 -10.07
C SER C 321 1.57 8.57 -10.62
N CYS C 322 2.13 7.39 -10.95
CA CYS C 322 3.51 7.33 -11.39
C CYS C 322 3.68 6.25 -12.45
N LEU C 323 4.66 6.48 -13.33
CA LEU C 323 4.94 5.60 -14.45
C LEU C 323 6.44 5.35 -14.54
N GLY C 324 6.80 4.25 -15.18
CA GLY C 324 8.19 3.95 -15.38
C GLY C 324 8.44 2.85 -16.39
N VAL C 325 9.30 3.13 -17.36
CA VAL C 325 9.73 2.13 -18.35
C VAL C 325 11.16 1.75 -18.03
N THR C 326 11.45 0.45 -18.06
CA THR C 326 12.77 -0.05 -17.76
C THR C 326 13.78 0.41 -18.81
N ASP C 327 15.06 0.39 -18.43
CA ASP C 327 16.12 0.88 -19.31
C ASP C 327 16.33 0.00 -20.53
N ASP C 328 15.94 -1.27 -20.48
CA ASP C 328 15.94 -2.11 -21.67
C ASP C 328 14.62 -2.07 -22.41
N GLY C 329 13.68 -1.25 -21.97
CA GLY C 329 12.39 -1.11 -22.61
C GLY C 329 11.48 -2.30 -22.52
N MET C 330 11.79 -3.25 -21.65
CA MET C 330 11.08 -4.53 -21.66
C MET C 330 9.67 -4.39 -21.07
N ALA C 331 9.53 -3.65 -19.98
CA ALA C 331 8.25 -3.53 -19.31
C ALA C 331 8.00 -2.08 -18.92
N VAL C 332 6.74 -1.75 -18.75
CA VAL C 332 6.31 -0.50 -18.16
C VAL C 332 5.58 -0.81 -16.86
N ALA C 333 5.87 -0.04 -15.82
CA ALA C 333 5.26 -0.23 -14.51
C ALA C 333 4.44 1.00 -14.16
N THR C 334 3.18 0.78 -13.77
CA THR C 334 2.27 1.83 -13.39
C THR C 334 1.97 1.73 -11.91
N GLY C 335 2.16 2.83 -11.18
CA GLY C 335 1.75 2.94 -9.80
C GLY C 335 0.52 3.81 -9.71
N SER C 336 -0.26 3.61 -8.66
CA SER C 336 -1.54 4.30 -8.55
C SER C 336 -1.91 4.51 -7.09
N TRP C 337 -2.97 5.30 -6.90
CA TRP C 337 -3.43 5.66 -5.56
C TRP C 337 -4.17 4.53 -4.86
N ASP C 338 -4.45 3.42 -5.54
CA ASP C 338 -5.08 2.26 -4.91
C ASP C 338 -4.06 1.29 -4.32
N SER C 339 -2.86 1.78 -4.02
CA SER C 339 -1.81 1.04 -3.30
C SER C 339 -1.31 -0.19 -4.05
N PHE C 340 -1.32 -0.14 -5.37
CA PHE C 340 -0.85 -1.27 -6.18
C PHE C 340 0.11 -0.80 -7.26
N LEU C 341 1.05 -1.67 -7.59
CA LEU C 341 1.98 -1.49 -8.71
C LEU C 341 1.77 -2.63 -9.68
N LYS C 342 1.70 -2.33 -10.97
CA LYS C 342 1.45 -3.34 -11.98
C LYS C 342 2.51 -3.27 -13.07
N ILE C 343 2.99 -4.45 -13.49
CA ILE C 343 4.00 -4.57 -14.53
C ILE C 343 3.30 -5.00 -15.81
N TRP C 344 3.64 -4.36 -16.93
CA TRP C 344 2.93 -4.57 -18.18
C TRP C 344 3.90 -4.94 -19.31
N ASN C 345 3.47 -5.86 -20.17
CA ASN C 345 4.16 -6.18 -21.42
C ASN C 345 3.17 -6.37 -22.56
N ASN D 4 10.98 49.44 -2.99
CA ASN D 4 10.49 48.75 -4.17
C ASN D 4 11.50 48.84 -5.32
N THR D 5 12.71 49.30 -4.99
CA THR D 5 13.76 49.42 -5.99
C THR D 5 14.45 48.10 -6.31
N ALA D 6 14.15 47.04 -5.55
CA ALA D 6 14.78 45.74 -5.79
C ALA D 6 14.20 45.01 -6.99
N SER D 7 13.04 45.45 -7.48
CA SER D 7 12.45 44.83 -8.66
C SER D 7 13.20 45.14 -9.95
N ILE D 8 14.02 46.19 -9.95
CA ILE D 8 14.80 46.53 -11.14
C ILE D 8 15.84 45.45 -11.43
N ALA D 9 16.47 44.90 -10.38
CA ALA D 9 17.42 43.81 -10.57
C ALA D 9 16.74 42.55 -11.09
N GLN D 10 15.54 42.26 -10.59
CA GLN D 10 14.78 41.12 -11.09
C GLN D 10 14.39 41.30 -12.56
N ALA D 11 14.00 42.52 -12.93
CA ALA D 11 13.67 42.81 -14.32
C ALA D 11 14.90 42.71 -15.22
N ARG D 12 16.06 43.17 -14.74
CA ARG D 12 17.30 43.03 -15.50
C ARG D 12 17.68 41.57 -15.68
N LYS D 13 17.51 40.75 -14.63
CA LYS D 13 17.79 39.32 -14.74
C LYS D 13 16.84 38.65 -15.73
N LEU D 14 15.56 39.03 -15.70
CA LEU D 14 14.58 38.45 -16.61
C LEU D 14 14.88 38.83 -18.07
N VAL D 15 15.23 40.10 -18.33
CA VAL D 15 15.51 40.48 -19.70
C VAL D 15 16.84 39.92 -20.17
N GLU D 16 17.79 39.68 -19.24
CA GLU D 16 19.03 39.02 -19.64
C GLU D 16 18.78 37.56 -20.00
N GLN D 17 17.92 36.88 -19.23
CA GLN D 17 17.55 35.50 -19.56
C GLN D 17 16.83 35.43 -20.90
N LEU D 18 15.90 36.37 -21.15
CA LEU D 18 15.22 36.41 -22.44
C LEU D 18 16.17 36.76 -23.57
N LYS D 19 17.18 37.58 -23.30
CA LYS D 19 18.13 37.97 -24.33
C LYS D 19 19.03 36.81 -24.71
N MET D 20 19.47 36.01 -23.73
CA MET D 20 20.25 34.84 -24.10
C MET D 20 19.38 33.75 -24.73
N GLU D 21 18.11 33.65 -24.32
CA GLU D 21 17.22 32.66 -24.89
C GLU D 21 16.85 33.00 -26.33
N ALA D 22 16.82 34.28 -26.67
CA ALA D 22 16.58 34.67 -28.06
C ALA D 22 17.77 34.34 -28.95
N ASN D 23 18.99 34.50 -28.44
CA ASN D 23 20.20 34.25 -29.22
C ASN D 23 20.59 32.78 -29.13
N ILE D 24 19.72 31.94 -29.69
CA ILE D 24 19.90 30.50 -29.71
C ILE D 24 19.70 30.02 -31.15
N ASP D 25 20.68 29.29 -31.68
CA ASP D 25 20.56 28.76 -33.03
C ASP D 25 19.53 27.65 -33.07
N ARG D 26 18.58 27.77 -33.98
CA ARG D 26 17.45 26.84 -34.07
C ARG D 26 17.46 26.15 -35.44
N ILE D 27 17.39 24.83 -35.43
CA ILE D 27 17.21 24.08 -36.66
C ILE D 27 15.72 24.01 -36.97
N LYS D 28 15.40 23.74 -38.23
CA LYS D 28 14.02 23.71 -38.67
C LYS D 28 13.27 22.55 -38.04
N VAL D 29 11.96 22.75 -37.83
CA VAL D 29 11.14 21.72 -37.19
C VAL D 29 10.98 20.50 -38.10
N SER D 30 11.13 20.67 -39.41
CA SER D 30 11.16 19.52 -40.30
C SER D 30 12.41 18.66 -40.06
N LYS D 31 13.56 19.31 -39.85
CA LYS D 31 14.79 18.58 -39.57
C LYS D 31 14.72 17.85 -38.24
N ALA D 32 14.19 18.51 -37.20
CA ALA D 32 14.03 17.85 -35.90
C ALA D 32 13.01 16.72 -35.97
N ALA D 33 11.93 16.91 -36.73
CA ALA D 33 10.94 15.87 -36.92
C ALA D 33 11.54 14.66 -37.63
N ALA D 34 12.37 14.90 -38.65
CA ALA D 34 13.04 13.82 -39.35
C ALA D 34 14.05 13.12 -38.45
N ASP D 35 14.72 13.87 -37.57
CA ASP D 35 15.67 13.27 -36.64
C ASP D 35 14.95 12.35 -35.64
N LEU D 36 13.84 12.80 -35.08
CA LEU D 36 13.07 11.95 -34.17
C LEU D 36 12.49 10.74 -34.89
N MET D 37 12.01 10.92 -36.13
CA MET D 37 11.48 9.80 -36.91
C MET D 37 12.58 8.78 -37.23
N ALA D 38 13.78 9.25 -37.57
CA ALA D 38 14.89 8.36 -37.86
C ALA D 38 15.33 7.62 -36.60
N TYR D 39 15.33 8.29 -35.44
CA TYR D 39 15.65 7.62 -34.19
C TYR D 39 14.61 6.56 -33.85
N CYS D 40 13.33 6.85 -34.12
CA CYS D 40 12.28 5.87 -33.86
C CYS D 40 12.40 4.67 -34.79
N GLU D 41 12.73 4.91 -36.06
CA GLU D 41 12.84 3.80 -37.01
C GLU D 41 14.10 2.98 -36.79
N ALA D 42 15.18 3.62 -36.31
CA ALA D 42 16.43 2.89 -36.11
C ALA D 42 16.36 1.95 -34.92
N HIS D 43 15.57 2.29 -33.91
CA HIS D 43 15.47 1.50 -32.69
C HIS D 43 14.13 0.81 -32.54
N ALA D 44 13.37 0.71 -33.64
CA ALA D 44 12.03 0.13 -33.57
C ALA D 44 12.07 -1.36 -33.26
N LYS D 45 13.06 -2.08 -33.81
CA LYS D 45 13.15 -3.52 -33.60
C LYS D 45 13.60 -3.85 -32.18
N GLU D 46 14.37 -2.97 -31.55
CA GLU D 46 14.86 -3.18 -30.19
C GLU D 46 13.94 -2.56 -29.14
N ASP D 47 12.67 -2.33 -29.49
CA ASP D 47 11.70 -1.81 -28.54
C ASP D 47 10.76 -2.95 -28.15
N PRO D 48 10.88 -3.52 -26.95
CA PRO D 48 9.99 -4.63 -26.58
C PRO D 48 8.55 -4.20 -26.36
N LEU D 49 8.31 -2.94 -25.96
CA LEU D 49 6.93 -2.49 -25.80
C LEU D 49 6.26 -2.24 -27.14
N LEU D 50 6.99 -1.61 -28.07
CA LEU D 50 6.45 -1.38 -29.41
C LEU D 50 6.36 -2.67 -30.20
N THR D 51 7.45 -3.46 -30.19
CA THR D 51 7.48 -4.75 -30.87
C THR D 51 7.62 -5.84 -29.81
N PRO D 52 6.53 -6.55 -29.47
CA PRO D 52 6.60 -7.53 -28.37
C PRO D 52 7.51 -8.70 -28.70
N VAL D 53 8.32 -9.07 -27.71
CA VAL D 53 9.25 -10.20 -27.82
C VAL D 53 8.48 -11.48 -27.54
N PRO D 54 8.96 -12.64 -27.97
CA PRO D 54 8.31 -13.90 -27.60
C PRO D 54 8.42 -14.18 -26.10
N ALA D 55 7.55 -15.06 -25.62
CA ALA D 55 7.49 -15.37 -24.20
C ALA D 55 8.75 -16.04 -23.67
N SER D 56 9.55 -16.67 -24.54
CA SER D 56 10.83 -17.19 -24.11
C SER D 56 11.81 -16.07 -23.78
N GLU D 57 11.72 -14.95 -24.49
CA GLU D 57 12.58 -13.80 -24.24
C GLU D 57 11.98 -12.79 -23.28
N ASN D 58 10.80 -13.07 -22.72
CA ASN D 58 10.12 -12.14 -21.85
C ASN D 58 10.41 -12.50 -20.41
N PRO D 59 11.13 -11.66 -19.65
CA PRO D 59 11.44 -12.01 -18.25
C PRO D 59 10.23 -11.95 -17.32
N PHE D 60 9.14 -11.31 -17.73
CA PHE D 60 7.93 -11.22 -16.91
C PHE D 60 6.86 -12.19 -17.38
N ARG D 61 7.27 -13.35 -17.90
CA ARG D 61 6.33 -14.33 -18.46
C ARG D 61 5.43 -14.94 -17.39
N ASP E 1 32.32 -2.30 14.34
CA ASP E 1 32.53 -3.18 13.21
C ASP E 1 31.77 -4.49 13.40
N VAL E 2 31.56 -5.21 12.29
CA VAL E 2 30.89 -6.50 12.36
C VAL E 2 31.82 -7.52 13.02
N GLN E 3 31.33 -8.19 14.05
CA GLN E 3 32.14 -9.13 14.81
C GLN E 3 31.27 -10.28 15.29
N LEU E 4 31.80 -11.50 15.18
CA LEU E 4 31.17 -12.70 15.70
C LEU E 4 32.16 -13.40 16.62
N VAL E 5 31.81 -13.52 17.89
CA VAL E 5 32.68 -14.11 18.90
C VAL E 5 32.05 -15.41 19.38
N GLU E 6 32.78 -16.50 19.24
CA GLU E 6 32.31 -17.82 19.64
C GLU E 6 32.82 -18.16 21.04
N SER E 7 32.05 -19.00 21.73
CA SER E 7 32.42 -19.45 23.06
C SER E 7 31.77 -20.80 23.32
N GLY E 8 32.27 -21.47 24.35
CA GLY E 8 31.73 -22.74 24.78
C GLY E 8 32.55 -23.97 24.44
N GLY E 9 33.63 -23.80 23.66
CA GLY E 9 34.44 -24.95 23.29
C GLY E 9 35.33 -25.41 24.43
N GLY E 10 35.83 -26.62 24.27
CA GLY E 10 36.72 -27.20 25.26
C GLY E 10 36.78 -28.71 25.11
N LEU E 11 37.53 -29.33 26.02
CA LEU E 11 37.69 -30.78 26.05
C LEU E 11 36.42 -31.43 26.58
N VAL E 12 35.91 -32.42 25.85
CA VAL E 12 34.63 -33.06 26.17
C VAL E 12 34.83 -34.57 26.13
N GLN E 13 34.28 -35.27 27.12
CA GLN E 13 34.27 -36.72 27.09
C GLN E 13 33.26 -37.21 26.04
N PRO E 14 33.52 -38.35 25.40
CA PRO E 14 32.59 -38.86 24.39
C PRO E 14 31.22 -39.14 24.99
N GLY E 15 30.18 -38.85 24.21
CA GLY E 15 28.81 -38.96 24.69
C GLY E 15 28.33 -37.80 25.51
N GLY E 16 29.16 -36.79 25.73
CA GLY E 16 28.77 -35.65 26.52
C GLY E 16 27.93 -34.66 25.75
N SER E 17 27.55 -33.58 26.43
CA SER E 17 26.73 -32.54 25.85
C SER E 17 27.35 -31.18 26.15
N ARG E 18 27.51 -30.36 25.12
CA ARG E 18 28.02 -29.01 25.26
C ARG E 18 27.23 -28.06 24.37
N LYS E 19 27.16 -26.80 24.77
CA LYS E 19 26.41 -25.78 24.05
C LYS E 19 27.34 -24.66 23.63
N LEU E 20 27.32 -24.32 22.35
CA LEU E 20 28.14 -23.26 21.79
C LEU E 20 27.33 -21.98 21.68
N SER E 21 27.97 -20.86 22.03
CA SER E 21 27.36 -19.54 21.91
C SER E 21 28.13 -18.73 20.88
N CYS E 22 27.42 -17.85 20.18
CA CYS E 22 28.02 -16.98 19.18
C CYS E 22 27.42 -15.58 19.37
N SER E 23 28.15 -14.72 20.07
CA SER E 23 27.69 -13.36 20.34
C SER E 23 27.94 -12.48 19.12
N ALA E 24 26.89 -11.82 18.66
CA ALA E 24 26.94 -10.99 17.46
C ALA E 24 26.93 -9.52 17.86
N SER E 25 27.74 -8.72 17.18
CA SER E 25 27.80 -7.28 17.39
C SER E 25 28.20 -6.61 16.10
N GLY E 26 27.72 -5.38 15.91
CA GLY E 26 28.09 -4.57 14.76
C GLY E 26 27.23 -4.78 13.53
N PHE E 27 26.17 -5.57 13.61
CA PHE E 27 25.29 -5.77 12.47
C PHE E 27 23.90 -6.17 12.98
N ALA E 28 22.92 -6.07 12.08
CA ALA E 28 21.54 -6.43 12.39
C ALA E 28 21.41 -7.94 12.42
N PHE E 29 21.60 -8.53 13.60
CA PHE E 29 21.61 -9.98 13.73
C PHE E 29 20.27 -10.62 13.34
N SER E 30 19.17 -9.90 13.54
CA SER E 30 17.85 -10.48 13.29
C SER E 30 17.62 -10.73 11.80
N SER E 31 18.16 -9.88 10.94
CA SER E 31 17.92 -9.97 9.50
C SER E 31 18.85 -10.93 8.79
N PHE E 32 19.75 -11.59 9.51
CA PHE E 32 20.74 -12.48 8.91
C PHE E 32 20.40 -13.94 9.25
N GLY E 33 20.39 -14.79 8.24
CA GLY E 33 20.46 -16.22 8.49
C GLY E 33 21.83 -16.59 9.00
N MET E 34 21.89 -17.64 9.82
CA MET E 34 23.14 -17.93 10.50
C MET E 34 23.50 -19.40 10.33
N HIS E 35 24.77 -19.66 10.05
CA HIS E 35 25.28 -20.99 9.81
C HIS E 35 26.31 -21.38 10.85
N TRP E 36 26.40 -22.67 11.12
CA TRP E 36 27.51 -23.25 11.88
C TRP E 36 28.34 -24.07 10.90
N VAL E 37 29.64 -23.80 10.85
CA VAL E 37 30.57 -24.53 10.01
C VAL E 37 31.75 -24.95 10.87
N ARG E 38 32.04 -26.24 10.90
CA ARG E 38 33.15 -26.75 11.68
C ARG E 38 34.29 -27.18 10.76
N GLN E 39 35.49 -27.18 11.30
CA GLN E 39 36.68 -27.61 10.59
C GLN E 39 37.48 -28.54 11.47
N ALA E 40 37.59 -29.80 11.06
CA ALA E 40 38.36 -30.78 11.80
C ALA E 40 39.85 -30.43 11.73
N PRO E 41 40.65 -30.94 12.67
CA PRO E 41 42.11 -30.73 12.60
C PRO E 41 42.76 -31.24 11.33
N GLU E 42 42.05 -32.04 10.52
CA GLU E 42 42.53 -32.45 9.20
C GLU E 42 42.36 -31.36 8.14
N LYS E 43 41.97 -30.15 8.55
CA LYS E 43 41.86 -28.99 7.67
C LYS E 43 40.81 -29.21 6.57
N GLY E 44 39.57 -29.41 7.00
CA GLY E 44 38.47 -29.50 6.06
C GLY E 44 37.22 -28.80 6.55
N LEU E 45 36.71 -27.84 5.78
CA LEU E 45 35.49 -27.14 6.15
C LEU E 45 34.28 -28.04 5.95
N GLU E 46 33.41 -28.08 6.95
CA GLU E 46 32.19 -28.87 6.88
C GLU E 46 31.03 -28.09 7.46
N TRP E 47 29.98 -27.93 6.67
CA TRP E 47 28.78 -27.24 7.13
C TRP E 47 28.02 -28.13 8.12
N VAL E 48 27.53 -27.50 9.19
CA VAL E 48 26.86 -28.21 10.28
C VAL E 48 25.36 -27.93 10.30
N ALA E 49 24.99 -26.67 10.50
CA ALA E 49 23.59 -26.33 10.71
C ALA E 49 23.33 -24.92 10.21
N TYR E 50 22.06 -24.63 9.95
CA TYR E 50 21.64 -23.33 9.47
C TYR E 50 20.29 -22.98 10.10
N ILE E 51 20.16 -21.72 10.53
CA ILE E 51 18.89 -21.19 11.00
C ILE E 51 18.62 -19.90 10.24
N SER E 52 17.40 -19.76 9.74
CA SER E 52 17.04 -18.60 8.95
C SER E 52 16.69 -17.43 9.86
N SER E 53 16.51 -16.26 9.25
CA SER E 53 15.99 -15.11 9.97
C SER E 53 14.57 -15.40 10.44
N GLY E 54 14.28 -15.08 11.69
CA GLY E 54 12.99 -15.43 12.27
C GLY E 54 12.87 -16.87 12.71
N SER E 55 13.94 -17.67 12.58
CA SER E 55 13.98 -19.06 13.01
C SER E 55 12.92 -19.92 12.32
N GLY E 56 12.46 -19.50 11.15
CA GLY E 56 11.43 -20.25 10.45
C GLY E 56 11.93 -21.46 9.70
N THR E 57 13.20 -21.45 9.30
CA THR E 57 13.79 -22.55 8.55
C THR E 57 15.08 -22.99 9.24
N ILE E 58 15.19 -24.29 9.48
CA ILE E 58 16.35 -24.87 10.15
C ILE E 58 16.79 -26.11 9.38
N TYR E 59 18.07 -26.18 9.04
CA TYR E 59 18.64 -27.32 8.35
C TYR E 59 19.84 -27.84 9.12
N TYR E 60 20.08 -29.15 9.01
CA TYR E 60 21.20 -29.80 9.67
C TYR E 60 21.94 -30.68 8.68
N ALA E 61 23.23 -30.87 8.92
CA ALA E 61 23.97 -31.89 8.20
C ALA E 61 23.49 -33.27 8.61
N ASP E 62 23.62 -34.23 7.69
CA ASP E 62 23.14 -35.58 7.96
C ASP E 62 23.90 -36.26 9.09
N THR E 63 25.11 -35.79 9.41
CA THR E 63 25.90 -36.38 10.48
C THR E 63 25.62 -35.76 11.84
N VAL E 64 24.83 -34.69 11.90
CA VAL E 64 24.54 -34.02 13.15
C VAL E 64 23.03 -33.86 13.32
N LYS E 65 22.27 -34.30 12.33
CA LYS E 65 20.82 -34.12 12.35
C LYS E 65 20.20 -35.01 13.43
N GLY E 66 19.31 -34.43 14.22
CA GLY E 66 18.72 -35.13 15.34
C GLY E 66 19.64 -35.29 16.53
N ARG E 67 20.84 -34.72 16.47
CA ARG E 67 21.84 -34.89 17.52
C ARG E 67 22.38 -33.52 17.94
N PHE E 68 22.33 -32.57 17.01
CA PHE E 68 22.66 -31.18 17.29
C PHE E 68 21.40 -30.34 17.21
N THR E 69 21.42 -29.20 17.89
CA THR E 69 20.29 -28.27 17.88
C THR E 69 20.83 -26.86 17.72
N ILE E 70 20.37 -26.15 16.70
CA ILE E 70 20.77 -24.77 16.45
C ILE E 70 19.59 -23.86 16.78
N SER E 71 19.87 -22.79 17.52
CA SER E 71 18.85 -21.83 17.89
C SER E 71 19.49 -20.46 18.02
N ARG E 72 18.64 -19.43 17.97
CA ARG E 72 19.11 -18.06 18.09
C ARG E 72 18.17 -17.30 19.03
N ASP E 73 18.72 -16.27 19.69
CA ASP E 73 17.93 -15.36 20.51
C ASP E 73 18.27 -13.96 20.03
N ASP E 74 17.42 -13.42 19.15
CA ASP E 74 17.62 -12.12 18.51
C ASP E 74 17.63 -10.93 19.47
N PRO E 75 16.89 -10.95 20.59
CA PRO E 75 17.05 -9.84 21.55
C PRO E 75 18.47 -9.59 22.02
N LYS E 76 19.27 -10.63 22.27
CA LYS E 76 20.63 -10.44 22.74
C LYS E 76 21.68 -10.82 21.71
N ASN E 77 21.27 -11.07 20.46
CA ASN E 77 22.19 -11.27 19.33
C ASN E 77 23.12 -12.45 19.56
N THR E 78 22.57 -13.58 19.98
CA THR E 78 23.36 -14.78 20.25
C THR E 78 22.85 -15.95 19.43
N LEU E 79 23.78 -16.69 18.84
CA LEU E 79 23.49 -17.92 18.11
C LEU E 79 23.96 -19.10 18.94
N PHE E 80 23.11 -20.11 19.06
CA PHE E 80 23.38 -21.26 19.90
C PHE E 80 23.50 -22.53 19.07
N LEU E 81 24.36 -23.44 19.51
CA LEU E 81 24.48 -24.77 18.91
C LEU E 81 24.47 -25.77 20.07
N GLN E 82 23.27 -26.22 20.45
CA GLN E 82 23.13 -27.19 21.52
C GLN E 82 23.49 -28.58 20.98
N MET E 83 24.59 -29.12 21.48
CA MET E 83 25.12 -30.40 21.00
C MET E 83 24.97 -31.45 22.09
N THR E 84 24.41 -32.59 21.72
CA THR E 84 24.28 -33.74 22.61
C THR E 84 24.92 -34.96 21.95
N SER E 85 25.33 -35.92 22.79
CA SER E 85 25.91 -37.19 22.34
C SER E 85 27.14 -36.95 21.45
N LEU E 86 28.07 -36.16 21.96
CA LEU E 86 29.26 -35.80 21.21
C LEU E 86 30.19 -37.01 21.06
N ARG E 87 30.57 -37.30 19.82
CA ARG E 87 31.52 -38.36 19.54
C ARG E 87 32.82 -37.76 19.00
N SER E 88 33.79 -38.64 18.74
CA SER E 88 35.15 -38.21 18.42
C SER E 88 35.24 -37.45 17.10
N GLU E 89 34.35 -37.71 16.15
CA GLU E 89 34.37 -36.99 14.88
C GLU E 89 33.85 -35.58 15.00
N ASP E 90 33.29 -35.20 16.14
CA ASP E 90 32.85 -33.84 16.39
C ASP E 90 33.98 -32.93 16.86
N THR E 91 35.19 -33.47 17.03
CA THR E 91 36.35 -32.67 17.39
C THR E 91 36.71 -31.77 16.23
N ALA E 92 36.35 -30.50 16.33
CA ALA E 92 36.56 -29.55 15.25
C ALA E 92 36.52 -28.14 15.84
N MET E 93 36.94 -27.17 15.03
CA MET E 93 36.88 -25.77 15.40
C MET E 93 35.67 -25.16 14.70
N TYR E 94 34.65 -24.84 15.48
CA TYR E 94 33.34 -24.47 14.94
C TYR E 94 33.28 -22.98 14.65
N TYR E 95 32.96 -22.63 13.42
CA TYR E 95 32.85 -21.25 12.99
C TYR E 95 31.37 -20.85 12.93
N CYS E 96 31.09 -19.65 13.44
CA CYS E 96 29.76 -19.07 13.37
C CYS E 96 29.72 -18.12 12.17
N VAL E 97 28.87 -18.44 11.19
CA VAL E 97 28.92 -17.80 9.89
C VAL E 97 27.67 -16.95 9.69
N ARG E 98 27.87 -15.76 9.13
CA ARG E 98 26.83 -14.77 8.90
C ARG E 98 26.46 -14.77 7.43
N SER E 99 25.17 -14.87 7.13
CA SER E 99 24.72 -14.94 5.75
C SER E 99 23.33 -14.32 5.61
N ILE E 100 23.17 -13.46 4.60
CA ILE E 100 21.89 -12.84 4.31
C ILE E 100 21.50 -13.21 2.88
N TYR E 101 20.19 -13.25 2.64
CA TYR E 101 19.65 -13.75 1.37
C TYR E 101 18.59 -12.80 0.84
N TYR E 102 18.95 -12.05 -0.21
CA TYR E 102 18.00 -11.34 -1.05
C TYR E 102 18.62 -11.27 -2.45
N TYR E 103 17.96 -10.59 -3.36
CA TYR E 103 18.52 -10.45 -4.71
C TYR E 103 19.78 -9.59 -4.65
N GLY E 104 20.89 -10.16 -5.10
CA GLY E 104 22.15 -9.46 -5.09
C GLY E 104 22.89 -9.47 -3.77
N SER E 105 22.40 -10.21 -2.78
CA SER E 105 23.06 -10.27 -1.49
C SER E 105 24.35 -11.08 -1.58
N SER E 106 25.15 -11.00 -0.52
CA SER E 106 26.42 -11.70 -0.44
C SER E 106 26.43 -12.53 0.83
N PRO E 107 25.84 -13.73 0.79
CA PRO E 107 25.83 -14.60 1.98
C PRO E 107 27.21 -15.20 2.21
N PHE E 108 27.39 -15.69 3.43
CA PHE E 108 28.66 -16.23 3.92
C PHE E 108 29.78 -15.19 3.87
N ASP E 109 29.42 -13.92 3.98
CA ASP E 109 30.41 -12.86 3.84
C ASP E 109 31.29 -12.72 5.07
N PHE E 110 30.72 -12.85 6.26
CA PHE E 110 31.48 -12.72 7.49
C PHE E 110 31.46 -14.02 8.26
N TRP E 111 32.64 -14.47 8.68
CA TRP E 111 32.81 -15.65 9.51
C TRP E 111 33.40 -15.22 10.85
N GLY E 112 32.98 -15.89 11.91
CA GLY E 112 33.55 -15.64 13.21
C GLY E 112 34.90 -16.29 13.38
N GLN E 113 35.57 -15.95 14.49
CA GLN E 113 36.93 -16.43 14.71
C GLN E 113 36.96 -17.93 15.01
N GLY E 114 35.88 -18.48 15.55
CA GLY E 114 35.80 -19.92 15.77
C GLY E 114 36.17 -20.35 17.17
N THR E 115 35.43 -21.31 17.71
CA THR E 115 35.74 -21.92 19.00
C THR E 115 36.13 -23.38 18.78
N THR E 116 37.17 -23.82 19.48
CA THR E 116 37.71 -25.16 19.33
C THR E 116 37.12 -26.07 20.39
N LEU E 117 36.48 -27.15 19.94
CA LEU E 117 35.94 -28.17 20.82
C LEU E 117 36.66 -29.49 20.53
N THR E 118 37.10 -30.16 21.58
CA THR E 118 37.83 -31.42 21.47
C THR E 118 37.05 -32.51 22.18
N VAL E 119 36.88 -33.65 21.53
CA VAL E 119 36.26 -34.83 22.12
C VAL E 119 37.35 -35.88 22.29
N SER E 120 37.47 -36.39 23.51
CA SER E 120 38.55 -37.32 23.85
C SER E 120 38.22 -38.71 23.31
N SER E 121 39.04 -39.69 23.68
CA SER E 121 38.85 -41.07 23.23
C SER E 121 39.07 -42.05 24.37
N GLY E 135 25.16 -39.58 -0.01
CA GLY E 135 24.75 -40.27 -1.22
C GLY E 135 24.16 -39.35 -2.26
N SER E 136 23.10 -38.64 -1.89
CA SER E 136 22.45 -37.69 -2.77
C SER E 136 23.06 -36.29 -2.71
N ASP E 137 24.10 -36.11 -1.92
CA ASP E 137 24.70 -34.80 -1.75
C ASP E 137 25.52 -34.41 -2.97
N ILE E 138 25.72 -33.10 -3.14
CA ILE E 138 26.56 -32.59 -4.21
C ILE E 138 28.02 -32.67 -3.78
N VAL E 139 28.77 -33.58 -4.40
CA VAL E 139 30.18 -33.73 -4.08
C VAL E 139 30.97 -32.61 -4.75
N MET E 140 31.75 -31.90 -3.97
CA MET E 140 32.55 -30.78 -4.47
C MET E 140 34.02 -31.22 -4.48
N THR E 141 34.63 -31.15 -5.65
CA THR E 141 35.94 -31.75 -5.87
C THR E 141 36.95 -30.70 -6.33
N GLN E 142 38.12 -30.71 -5.69
CA GLN E 142 39.26 -29.92 -6.13
C GLN E 142 40.40 -30.88 -6.44
N ALA E 143 40.87 -30.85 -7.69
CA ALA E 143 41.89 -31.80 -8.13
C ALA E 143 43.20 -31.61 -7.40
N THR E 144 43.62 -30.36 -7.21
CA THR E 144 44.88 -30.05 -6.55
C THR E 144 44.62 -29.70 -5.10
N SER E 145 45.37 -30.33 -4.19
CA SER E 145 45.23 -30.06 -2.76
C SER E 145 46.29 -29.12 -2.23
N SER E 146 47.46 -29.05 -2.88
CA SER E 146 48.53 -28.15 -2.45
C SER E 146 49.46 -27.92 -3.62
N VAL E 147 49.57 -26.68 -4.08
CA VAL E 147 50.45 -26.34 -5.20
C VAL E 147 51.32 -25.15 -4.82
N PRO E 148 52.60 -25.16 -5.20
CA PRO E 148 53.45 -23.99 -4.93
C PRO E 148 53.28 -22.92 -6.00
N VAL E 149 53.39 -21.67 -5.57
CA VAL E 149 53.16 -20.52 -6.44
C VAL E 149 54.22 -19.46 -6.15
N THR E 150 54.71 -18.82 -7.21
CA THR E 150 55.64 -17.71 -7.08
C THR E 150 54.86 -16.41 -6.92
N PRO E 151 55.19 -15.57 -5.94
CA PRO E 151 54.48 -14.29 -5.79
C PRO E 151 54.66 -13.42 -7.02
N GLY E 152 53.60 -12.68 -7.35
CA GLY E 152 53.58 -11.85 -8.53
C GLY E 152 53.12 -12.55 -9.80
N GLU E 153 52.83 -13.84 -9.74
CA GLU E 153 52.42 -14.60 -10.91
C GLU E 153 51.00 -15.11 -10.73
N SER E 154 50.29 -15.24 -11.85
CA SER E 154 48.91 -15.68 -11.83
C SER E 154 48.82 -17.16 -11.49
N VAL E 155 47.78 -17.51 -10.73
CA VAL E 155 47.51 -18.89 -10.36
C VAL E 155 46.02 -19.15 -10.56
N SER E 156 45.67 -20.39 -10.85
CA SER E 156 44.28 -20.79 -11.05
C SER E 156 43.97 -21.99 -10.16
N ILE E 157 42.89 -21.88 -9.40
CA ILE E 157 42.39 -22.97 -8.56
C ILE E 157 41.11 -23.49 -9.18
N SER E 158 41.09 -24.77 -9.50
CA SER E 158 39.96 -25.39 -10.20
C SER E 158 39.12 -26.20 -9.23
N CYS E 159 37.80 -26.12 -9.40
CA CYS E 159 36.86 -26.89 -8.61
C CYS E 159 35.84 -27.54 -9.52
N ARG E 160 35.38 -28.72 -9.13
CA ARG E 160 34.37 -29.46 -9.88
C ARG E 160 33.24 -29.87 -8.95
N SER E 161 32.06 -30.07 -9.52
CA SER E 161 30.88 -30.47 -8.78
C SER E 161 30.23 -31.68 -9.45
N SER E 162 29.68 -32.57 -8.62
CA SER E 162 28.97 -33.72 -9.15
C SER E 162 27.70 -33.30 -9.89
N LYS E 163 27.00 -32.30 -9.37
CA LYS E 163 25.80 -31.76 -9.98
C LYS E 163 26.09 -30.37 -10.53
N SER E 164 25.35 -29.99 -11.57
CA SER E 164 25.49 -28.65 -12.12
C SER E 164 24.94 -27.63 -11.15
N LEU E 165 25.75 -26.62 -10.83
CA LEU E 165 25.33 -25.58 -9.90
C LEU E 165 24.59 -24.43 -10.58
N LEU E 166 24.43 -24.49 -11.90
CA LEU E 166 23.66 -23.49 -12.62
C LEU E 166 22.17 -23.78 -12.46
N HIS E 167 21.43 -22.81 -11.94
CA HIS E 167 20.00 -22.97 -11.72
C HIS E 167 19.21 -22.43 -12.92
N SER E 168 17.90 -22.67 -12.90
CA SER E 168 17.02 -22.17 -13.95
C SER E 168 16.92 -20.66 -13.96
N ASN E 169 17.23 -20.00 -12.85
CA ASN E 169 17.16 -18.54 -12.76
C ASN E 169 18.44 -17.87 -13.25
N GLY E 170 19.43 -18.63 -13.68
CA GLY E 170 20.66 -18.07 -14.21
C GLY E 170 21.79 -17.94 -13.20
N ASN E 171 21.54 -18.21 -11.93
CA ASN E 171 22.58 -18.12 -10.90
C ASN E 171 23.33 -19.44 -10.80
N THR E 172 24.66 -19.35 -10.80
CA THR E 172 25.52 -20.49 -10.51
C THR E 172 25.98 -20.34 -9.07
N TYR E 173 25.46 -21.20 -8.18
CA TYR E 173 25.67 -21.05 -6.75
C TYR E 173 27.00 -21.68 -6.36
N LEU E 174 28.07 -20.98 -6.69
CA LEU E 174 29.43 -21.36 -6.33
C LEU E 174 30.05 -20.26 -5.48
N TYR E 175 30.65 -20.65 -4.37
CA TYR E 175 31.27 -19.73 -3.43
C TYR E 175 32.75 -20.08 -3.29
N TRP E 176 33.59 -19.06 -3.23
CA TRP E 176 35.02 -19.23 -3.04
C TRP E 176 35.43 -18.63 -1.72
N PHE E 177 36.12 -19.41 -0.90
CA PHE E 177 36.59 -18.96 0.41
C PHE E 177 38.09 -19.12 0.51
N LEU E 178 38.76 -18.12 1.08
CA LEU E 178 40.17 -18.17 1.37
C LEU E 178 40.36 -18.14 2.88
N GLN E 179 41.10 -19.11 3.40
CA GLN E 179 41.38 -19.19 4.83
C GLN E 179 42.89 -19.12 5.02
N ARG E 180 43.38 -17.97 5.47
CA ARG E 180 44.78 -17.79 5.74
C ARG E 180 45.18 -18.57 6.99
N PRO E 181 46.46 -18.94 7.11
CA PRO E 181 46.90 -19.69 8.29
C PRO E 181 46.64 -18.92 9.58
N GLY E 182 46.04 -19.61 10.55
CA GLY E 182 45.67 -18.99 11.81
C GLY E 182 44.61 -17.91 11.68
N GLN E 183 43.69 -18.06 10.73
CA GLN E 183 42.64 -17.07 10.52
C GLN E 183 41.35 -17.76 10.12
N SER E 184 40.25 -17.04 10.28
CA SER E 184 38.95 -17.54 9.86
C SER E 184 38.80 -17.37 8.35
N PRO E 185 38.03 -18.26 7.70
CA PRO E 185 37.80 -18.11 6.26
C PRO E 185 37.03 -16.84 5.93
N GLN E 186 37.33 -16.28 4.76
CA GLN E 186 36.60 -15.12 4.25
C GLN E 186 36.07 -15.43 2.86
N LEU E 187 35.00 -14.74 2.48
CA LEU E 187 34.41 -14.92 1.17
C LEU E 187 35.13 -14.07 0.13
N LEU E 188 35.41 -14.67 -1.02
CA LEU E 188 36.00 -13.96 -2.15
C LEU E 188 35.01 -13.79 -3.30
N ILE E 189 34.43 -14.89 -3.77
CA ILE E 189 33.45 -14.88 -4.86
C ILE E 189 32.19 -15.57 -4.34
N TYR E 190 31.03 -14.91 -4.49
CA TYR E 190 29.84 -15.51 -3.91
C TYR E 190 28.93 -16.22 -4.92
N ARG E 191 28.79 -15.75 -6.17
CA ARG E 191 28.11 -16.59 -7.15
C ARG E 191 28.97 -16.68 -8.40
N MET E 192 30.02 -17.49 -8.31
CA MET E 192 30.81 -18.03 -9.42
C MET E 192 31.53 -16.92 -10.20
N SER E 193 31.12 -15.67 -10.05
CA SER E 193 31.81 -14.54 -10.68
C SER E 193 31.85 -13.28 -9.83
N ASN E 194 31.03 -13.17 -8.79
CA ASN E 194 30.79 -11.88 -8.13
C ASN E 194 31.84 -11.64 -7.07
N LEU E 195 32.65 -10.61 -7.26
CA LEU E 195 33.67 -10.25 -6.28
C LEU E 195 33.02 -9.76 -5.00
N ALA E 196 33.55 -10.20 -3.85
CA ALA E 196 32.98 -9.85 -2.56
C ALA E 196 33.42 -8.43 -2.18
N SER E 197 32.96 -7.96 -1.03
CA SER E 197 33.28 -6.62 -0.54
C SER E 197 34.56 -6.68 0.28
N GLY E 198 35.48 -5.76 -0.02
CA GLY E 198 36.74 -5.67 0.69
C GLY E 198 37.84 -6.56 0.17
N VAL E 199 37.55 -7.41 -0.81
CA VAL E 199 38.57 -8.28 -1.40
C VAL E 199 39.06 -7.63 -2.70
N PRO E 200 40.35 -7.77 -3.03
CA PRO E 200 40.90 -7.05 -4.18
C PRO E 200 40.35 -7.56 -5.51
N ASP E 201 40.46 -6.69 -6.52
CA ASP E 201 40.01 -7.01 -7.87
C ASP E 201 40.89 -8.04 -8.56
N ARG E 202 42.06 -8.36 -8.00
CA ARG E 202 42.92 -9.38 -8.57
C ARG E 202 42.37 -10.79 -8.39
N PHE E 203 41.33 -10.97 -7.59
CA PHE E 203 40.61 -12.24 -7.50
C PHE E 203 39.46 -12.22 -8.50
N SER E 204 39.41 -13.24 -9.36
CA SER E 204 38.36 -13.36 -10.36
C SER E 204 37.89 -14.80 -10.44
N GLY E 205 36.58 -14.99 -10.50
CA GLY E 205 36.00 -16.31 -10.60
C GLY E 205 35.25 -16.47 -11.92
N SER E 206 35.26 -17.69 -12.43
CA SER E 206 34.58 -18.01 -13.68
C SER E 206 34.25 -19.50 -13.68
N GLY E 207 33.66 -19.95 -14.78
CA GLY E 207 33.26 -21.33 -14.93
C GLY E 207 31.85 -21.43 -15.49
N SER E 208 31.40 -22.68 -15.67
CA SER E 208 30.09 -22.94 -16.21
C SER E 208 29.69 -24.37 -15.88
N GLY E 209 28.45 -24.55 -15.44
CA GLY E 209 27.94 -25.87 -15.16
C GLY E 209 28.58 -26.52 -13.95
N THR E 210 29.43 -27.52 -14.20
CA THR E 210 30.12 -28.24 -13.13
C THR E 210 31.60 -27.88 -13.02
N ALA E 211 32.18 -27.23 -14.02
CA ALA E 211 33.59 -26.88 -14.02
C ALA E 211 33.75 -25.44 -13.56
N PHE E 212 34.69 -25.22 -12.63
CA PHE E 212 34.87 -23.92 -12.03
C PHE E 212 36.35 -23.62 -11.92
N THR E 213 36.68 -22.33 -11.89
CA THR E 213 38.06 -21.91 -11.71
C THR E 213 38.08 -20.56 -10.97
N LEU E 214 39.18 -20.32 -10.27
CA LEU E 214 39.39 -19.08 -9.54
C LEU E 214 40.79 -18.58 -9.86
N THR E 215 40.89 -17.41 -10.47
CA THR E 215 42.16 -16.86 -10.95
C THR E 215 42.61 -15.76 -10.02
N ILE E 216 43.88 -15.82 -9.61
CA ILE E 216 44.49 -14.79 -8.76
C ILE E 216 45.69 -14.25 -9.53
N SER E 217 45.47 -13.18 -10.28
CA SER E 217 46.55 -12.51 -11.00
C SER E 217 47.34 -11.63 -10.04
N ARG E 218 48.65 -11.60 -10.24
CA ARG E 218 49.58 -10.82 -9.40
C ARG E 218 49.47 -11.23 -7.93
N LEU E 219 49.80 -12.49 -7.67
CA LEU E 219 49.69 -13.05 -6.33
C LEU E 219 50.70 -12.41 -5.39
N GLU E 220 50.28 -12.20 -4.14
CA GLU E 220 51.12 -11.69 -3.07
C GLU E 220 51.12 -12.68 -1.92
N ALA E 221 52.01 -12.44 -0.94
CA ALA E 221 52.04 -13.28 0.25
C ALA E 221 50.78 -13.12 1.10
N GLU E 222 49.99 -12.08 0.84
CA GLU E 222 48.72 -11.88 1.51
C GLU E 222 47.67 -12.90 1.06
N ASP E 223 47.89 -13.56 -0.07
CA ASP E 223 46.96 -14.54 -0.61
C ASP E 223 47.30 -15.98 -0.22
N VAL E 224 48.30 -16.18 0.62
CA VAL E 224 48.71 -17.54 1.00
C VAL E 224 47.68 -18.14 1.94
N GLY E 225 47.17 -19.30 1.59
CA GLY E 225 46.19 -19.98 2.43
C GLY E 225 45.56 -21.14 1.69
N VAL E 226 44.46 -21.63 2.25
CA VAL E 226 43.70 -22.73 1.69
C VAL E 226 42.43 -22.18 1.07
N TYR E 227 42.17 -22.55 -0.18
CA TYR E 227 41.03 -22.05 -0.94
C TYR E 227 39.97 -23.14 -1.03
N TYR E 228 38.74 -22.80 -0.65
CA TYR E 228 37.63 -23.73 -0.62
C TYR E 228 36.55 -23.28 -1.60
N CYS E 229 35.95 -24.24 -2.29
CA CYS E 229 34.78 -23.99 -3.11
C CYS E 229 33.57 -24.61 -2.42
N MET E 230 32.50 -23.83 -2.29
CA MET E 230 31.28 -24.27 -1.65
C MET E 230 30.10 -24.06 -2.59
N GLN E 231 29.16 -25.00 -2.59
CA GLN E 231 27.93 -24.87 -3.34
C GLN E 231 26.80 -24.43 -2.43
N HIS E 232 25.89 -23.62 -2.97
CA HIS E 232 24.69 -23.20 -2.27
C HIS E 232 23.45 -23.48 -3.10
N LEU E 233 23.54 -24.47 -4.00
CA LEU E 233 22.39 -24.83 -4.83
C LEU E 233 21.30 -25.47 -3.99
N GLU E 234 21.68 -26.34 -3.07
CA GLU E 234 20.71 -27.05 -2.24
C GLU E 234 21.40 -27.53 -0.96
N TYR E 235 20.64 -27.64 0.11
CA TYR E 235 21.20 -28.13 1.36
C TYR E 235 21.30 -29.66 1.31
N PRO E 236 22.33 -30.25 1.96
CA PRO E 236 23.38 -29.61 2.75
C PRO E 236 24.44 -28.91 1.91
N LEU E 237 24.99 -27.82 2.43
CA LEU E 237 26.06 -27.11 1.75
C LEU E 237 27.36 -27.88 1.91
N THR E 238 28.00 -28.19 0.79
CA THR E 238 29.21 -29.00 0.78
C THR E 238 30.39 -28.16 0.29
N PHE E 239 31.53 -28.31 0.95
CA PHE E 239 32.74 -27.60 0.59
C PHE E 239 33.65 -28.51 -0.23
N GLY E 240 34.65 -27.90 -0.84
CA GLY E 240 35.73 -28.66 -1.47
C GLY E 240 36.71 -29.18 -0.44
N ALA E 241 37.65 -29.98 -0.92
CA ALA E 241 38.69 -30.50 -0.03
C ALA E 241 39.62 -29.38 0.44
N GLY E 242 39.85 -28.38 -0.41
CA GLY E 242 40.70 -27.26 -0.04
C GLY E 242 42.03 -27.28 -0.77
N THR E 243 42.28 -26.26 -1.58
CA THR E 243 43.54 -26.11 -2.31
C THR E 243 44.42 -25.11 -1.57
N LYS E 244 45.59 -25.55 -1.14
CA LYS E 244 46.50 -24.72 -0.36
C LYS E 244 47.59 -24.18 -1.27
N LEU E 245 47.85 -22.88 -1.16
CA LEU E 245 48.93 -22.24 -1.91
C LEU E 245 50.12 -22.05 -0.98
N GLU E 246 51.28 -22.52 -1.40
CA GLU E 246 52.51 -22.43 -0.63
C GLU E 246 53.48 -21.46 -1.29
N LEU E 247 54.66 -21.31 -0.68
CA LEU E 247 55.74 -20.47 -1.19
C LEU E 247 55.30 -19.02 -1.40
C 2OP F . -39.29 -27.57 8.96
O 2OP F . -38.35 -28.20 8.41
CB 2OP F . -40.17 -26.94 6.84
OHN 2OP F . -41.26 -25.98 8.71
CA 2OP F . -40.54 -27.21 8.16
OXT 2OP F . -39.19 -27.23 10.16
#